data_4UVJ
#
_entry.id   4UVJ
#
_cell.length_a   56.787
_cell.length_b   58.022
_cell.length_c   80.179
_cell.angle_alpha   80.68
_cell.angle_beta   82.00
_cell.angle_gamma   63.99
#
_symmetry.space_group_name_H-M   'P 1'
#
loop_
_entity.id
_entity.type
_entity.pdbx_description
1 polymer 'COHESIN SUBUNIT SCC3'
2 water water
#
_entity_poly.entity_id   1
_entity_poly.type   'polypeptide(L)'
_entity_poly.pdbx_seq_one_letter_code
;MDSVKEIVLPLFYDLLNAASIESADILCPLLESFITFSLDDWISIGYETELKKITDKTIKAFMDSTIGNSKVDMKYDIFA
KFIHHIHHFEKKELQEKFLNQIATLKIHLKKFLQEKMDPNNSRDDYKDLTCSLYELYINKLTILGRDYPIEVDEELLQLF
LNNFVSRIPIMFQDFDDSTAQEINFKMLVLLATWNLEKWREIIEKVRDYENSISKDLRSVWKPIAAIIGRLNTLVISLAA
TNETFENINSLFYLKWSACTSLMDIIVAIKIFELKLPADATTWRYSMSEQFPFYLHDNASKVLLKIFLYLESLFAKQVDV
QLERVADEDANLNDLPETGFFENIETEFLLFTVKLKGLMKLNILDERFASRVALNKEKLGPLFKKIVDDTIMENPEPNKK
HHHHHH
;
_entity_poly.pdbx_strand_id   A,B
#
# COMPACT_ATOMS: atom_id res chain seq x y z
N ASP A 2 11.46 3.54 13.81
CA ASP A 2 12.57 4.31 13.13
C ASP A 2 12.15 5.33 12.04
N SER A 3 12.14 6.61 12.41
CA SER A 3 11.40 7.59 11.63
C SER A 3 11.92 7.72 10.22
N VAL A 4 13.22 7.59 10.05
CA VAL A 4 13.82 7.72 8.72
C VAL A 4 13.41 6.54 7.78
N LYS A 5 13.58 5.33 8.25
CA LYS A 5 13.14 4.16 7.50
C LYS A 5 11.61 4.07 7.26
N GLU A 6 10.82 4.44 8.27
CA GLU A 6 9.36 4.24 8.20
C GLU A 6 8.56 5.49 7.83
N ILE A 7 9.12 6.67 7.95
CA ILE A 7 8.32 7.87 7.65
C ILE A 7 8.88 8.67 6.48
N VAL A 8 10.17 9.03 6.56
CA VAL A 8 10.70 10.04 5.70
C VAL A 8 11.02 9.45 4.33
N LEU A 9 11.64 8.27 4.31
CA LEU A 9 11.96 7.58 3.04
C LEU A 9 10.74 7.14 2.26
N PRO A 10 9.80 6.45 2.92
CA PRO A 10 8.61 6.15 2.14
C PRO A 10 7.91 7.42 1.55
N LEU A 11 7.81 8.49 2.33
CA LEU A 11 7.27 9.74 1.77
C LEU A 11 8.07 10.18 0.48
N PHE A 12 9.38 10.28 0.64
CA PHE A 12 10.25 10.70 -0.45
C PHE A 12 10.00 9.87 -1.71
N TYR A 13 9.96 8.53 -1.58
CA TYR A 13 9.63 7.64 -2.68
C TYR A 13 8.19 7.82 -3.24
N ASP A 14 7.22 8.09 -2.37
CA ASP A 14 5.90 8.31 -2.86
C ASP A 14 5.84 9.55 -3.68
N LEU A 15 6.50 10.59 -3.24
CA LEU A 15 6.52 11.88 -3.95
C LEU A 15 7.21 11.73 -5.33
N LEU A 16 8.36 11.03 -5.34
CA LEU A 16 9.16 10.91 -6.52
C LEU A 16 8.39 10.18 -7.61
N ASN A 17 7.76 9.10 -7.19
CA ASN A 17 6.97 8.30 -8.06
C ASN A 17 5.74 9.07 -8.57
N ALA A 18 5.14 9.90 -7.73
CA ALA A 18 3.98 10.65 -8.19
C ALA A 18 4.32 11.72 -9.19
N ALA A 19 5.43 12.42 -9.01
CA ALA A 19 5.76 13.58 -9.86
C ALA A 19 5.96 13.17 -11.32
N SER A 20 6.18 11.88 -11.55
CA SER A 20 6.42 11.34 -12.89
C SER A 20 5.22 10.55 -13.45
N ILE A 26 2.02 21.60 -5.64
CA ILE A 26 1.69 21.66 -4.19
C ILE A 26 2.71 20.87 -3.39
N LEU A 27 2.97 19.66 -3.92
CA LEU A 27 3.92 18.70 -3.38
C LEU A 27 5.32 18.89 -4.02
N CYS A 28 5.41 19.87 -4.91
CA CYS A 28 6.68 20.31 -5.50
C CYS A 28 7.63 20.94 -4.47
N PRO A 29 7.16 21.90 -3.67
CA PRO A 29 8.10 22.34 -2.62
C PRO A 29 8.56 21.22 -1.65
N LEU A 30 7.71 20.23 -1.37
CA LEU A 30 8.17 19.08 -0.57
C LEU A 30 9.27 18.26 -1.26
N LEU A 31 9.01 17.85 -2.50
CA LEU A 31 9.98 17.07 -3.30
C LEU A 31 11.23 17.90 -3.54
N GLU A 32 11.00 19.19 -3.79
CA GLU A 32 12.08 20.16 -4.02
C GLU A 32 12.99 20.11 -2.80
N SER A 33 12.41 20.25 -1.59
CA SER A 33 13.19 20.23 -0.33
C SER A 33 14.08 19.00 -0.19
N PHE A 34 13.53 17.84 -0.51
CA PHE A 34 14.29 16.61 -0.36
C PHE A 34 15.49 16.61 -1.28
N ILE A 35 15.37 17.29 -2.40
CA ILE A 35 16.41 17.19 -3.42
C ILE A 35 17.67 18.02 -3.14
N THR A 36 17.61 18.90 -2.14
CA THR A 36 18.80 19.59 -1.63
C THR A 36 19.57 18.84 -0.51
N PHE A 37 19.32 19.22 0.75
CA PHE A 37 20.26 18.97 1.90
C PHE A 37 21.58 18.17 1.67
N SER A 38 21.66 16.93 2.14
CA SER A 38 22.78 15.99 1.81
C SER A 38 22.60 14.59 2.42
N GLU A 48 15.12 14.89 15.35
CA GLU A 48 13.90 15.33 16.02
C GLU A 48 13.48 16.75 15.62
N THR A 49 14.39 17.70 15.83
CA THR A 49 14.24 19.07 15.37
C THR A 49 14.16 19.05 13.83
N GLU A 50 14.84 18.07 13.24
CA GLU A 50 14.74 17.82 11.81
C GLU A 50 13.38 17.27 11.42
N LEU A 51 12.92 16.29 12.18
CA LEU A 51 11.70 15.62 11.87
C LEU A 51 10.55 16.59 12.03
N LYS A 52 10.57 17.40 13.08
CA LYS A 52 9.51 18.40 13.29
C LYS A 52 9.29 19.27 12.06
N LYS A 53 10.37 19.74 11.46
CA LYS A 53 10.33 20.59 10.25
C LYS A 53 9.83 19.91 8.94
N ILE A 54 10.14 18.62 8.75
CA ILE A 54 9.61 17.88 7.58
C ILE A 54 8.11 17.67 7.80
N THR A 55 7.76 17.19 8.99
CA THR A 55 6.35 16.96 9.33
C THR A 55 5.51 18.23 9.19
N ASP A 56 5.97 19.33 9.81
CA ASP A 56 5.32 20.64 9.60
C ASP A 56 5.13 21.00 8.16
N LYS A 57 6.12 20.79 7.30
CA LYS A 57 5.93 21.16 5.90
C LYS A 57 4.94 20.27 5.21
N THR A 58 4.94 19.01 5.59
CA THR A 58 4.06 18.07 4.97
C THR A 58 2.62 18.32 5.40
N ILE A 59 2.46 18.68 6.67
CA ILE A 59 1.09 18.91 7.22
C ILE A 59 0.51 20.15 6.57
N LYS A 60 1.39 21.12 6.33
CA LYS A 60 1.01 22.36 5.67
C LYS A 60 0.56 22.13 4.20
N ALA A 61 1.29 21.33 3.45
CA ALA A 61 0.85 20.92 2.11
C ALA A 61 -0.52 20.23 2.17
N PHE A 62 -0.70 19.32 3.11
CA PHE A 62 -1.97 18.59 3.31
C PHE A 62 -3.10 19.56 3.51
N MET A 63 -2.91 20.53 4.40
CA MET A 63 -3.96 21.49 4.77
C MET A 63 -4.19 22.45 3.62
N ASP A 64 -3.12 22.81 2.90
CA ASP A 64 -3.21 23.75 1.75
C ASP A 64 -3.76 23.13 0.46
N SER A 65 -3.79 21.80 0.31
CA SER A 65 -4.13 21.22 -0.98
C SER A 65 -5.63 20.98 -1.17
N THR A 66 -6.08 20.71 -2.39
CA THR A 66 -7.41 20.14 -2.58
C THR A 66 -7.12 18.64 -2.80
N ILE A 67 -7.87 17.75 -2.18
CA ILE A 67 -7.57 16.35 -2.35
C ILE A 67 -8.76 15.66 -2.92
N GLY A 68 -8.62 15.14 -4.13
CA GLY A 68 -9.68 14.39 -4.75
C GLY A 68 -9.71 12.94 -4.27
N ASN A 69 -10.78 12.27 -4.67
CA ASN A 69 -11.00 10.81 -4.66
C ASN A 69 -9.69 10.11 -5.07
N SER A 70 -9.30 9.05 -4.36
CA SER A 70 -8.05 8.35 -4.65
C SER A 70 -8.01 7.82 -6.10
N LYS A 71 -9.13 7.36 -6.64
CA LYS A 71 -9.13 6.86 -8.02
C LYS A 71 -8.65 7.93 -8.98
N VAL A 72 -8.77 9.19 -8.59
CA VAL A 72 -8.43 10.28 -9.53
C VAL A 72 -7.21 11.16 -9.08
N ASP A 73 -6.92 11.19 -7.77
CA ASP A 73 -5.88 12.06 -7.22
C ASP A 73 -4.85 11.28 -6.42
N MET A 74 -3.61 11.17 -6.92
CA MET A 74 -2.56 10.43 -6.23
C MET A 74 -2.20 11.03 -4.86
N LYS A 75 -2.51 12.31 -4.65
CA LYS A 75 -2.32 12.93 -3.33
C LYS A 75 -3.04 12.23 -2.19
N TYR A 76 -4.19 11.62 -2.46
CA TYR A 76 -5.02 11.04 -1.39
C TYR A 76 -4.20 9.95 -0.70
N ASP A 77 -3.69 8.99 -1.47
CA ASP A 77 -2.93 7.86 -0.85
C ASP A 77 -1.58 8.28 -0.29
N ILE A 78 -0.93 9.25 -0.94
CA ILE A 78 0.34 9.76 -0.45
C ILE A 78 0.23 10.32 1.01
N PHE A 79 -0.78 11.15 1.21
CA PHE A 79 -1.06 11.73 2.53
C PHE A 79 -1.62 10.65 3.50
N ALA A 80 -2.44 9.73 3.01
CA ALA A 80 -3.02 8.70 3.84
C ALA A 80 -1.88 7.87 4.42
N LYS A 81 -0.94 7.47 3.57
CA LYS A 81 0.12 6.59 4.10
C LYS A 81 0.99 7.36 5.08
N PHE A 82 1.22 8.63 4.80
CA PHE A 82 2.14 9.41 5.62
C PHE A 82 1.48 9.63 7.00
N ILE A 83 0.21 10.00 6.96
CA ILE A 83 -0.49 10.24 8.23
C ILE A 83 -0.60 8.95 9.03
N HIS A 84 -0.92 7.86 8.37
CA HIS A 84 -0.90 6.60 9.07
C HIS A 84 0.46 6.30 9.77
N HIS A 85 1.58 6.46 9.04
CA HIS A 85 2.91 6.16 9.65
C HIS A 85 3.21 7.10 10.82
N ILE A 86 2.79 8.37 10.68
CA ILE A 86 3.00 9.33 11.77
C ILE A 86 2.28 8.84 13.03
N HIS A 87 1.04 8.40 12.83
CA HIS A 87 0.22 7.94 13.93
C HIS A 87 0.92 6.76 14.63
N HIS A 88 1.34 5.79 13.84
CA HIS A 88 2.00 4.63 14.43
C HIS A 88 3.32 4.94 15.10
N PHE A 89 3.91 6.07 14.78
CA PHE A 89 5.14 6.45 15.42
C PHE A 89 4.89 6.85 16.87
N GLU A 90 3.65 7.23 17.17
CA GLU A 90 3.16 7.38 18.56
C GLU A 90 3.95 8.42 19.35
N LYS A 91 4.24 9.55 18.72
CA LYS A 91 4.97 10.64 19.34
C LYS A 91 3.98 11.74 19.76
N LYS A 92 3.89 12.01 21.06
CA LYS A 92 2.86 12.85 21.67
C LYS A 92 2.65 14.17 20.92
N GLU A 93 3.74 14.87 20.67
CA GLU A 93 3.72 16.15 19.99
C GLU A 93 3.09 16.10 18.58
N LEU A 94 3.36 15.01 17.84
CA LEU A 94 2.77 14.77 16.51
C LEU A 94 1.28 14.40 16.57
N GLN A 95 0.90 13.57 17.54
CA GLN A 95 -0.51 13.28 17.71
C GLN A 95 -1.25 14.60 17.93
N GLU A 96 -0.72 15.46 18.80
CA GLU A 96 -1.36 16.74 19.10
C GLU A 96 -1.49 17.63 17.88
N LYS A 97 -0.51 17.63 17.00
CA LYS A 97 -0.58 18.45 15.76
C LYS A 97 -1.74 17.97 14.88
N PHE A 98 -1.88 16.64 14.73
CA PHE A 98 -2.96 16.17 13.89
C PHE A 98 -4.31 16.41 14.52
N LEU A 99 -4.42 16.25 15.83
CA LEU A 99 -5.68 16.67 16.50
C LEU A 99 -6.01 18.19 16.28
N ASN A 100 -5.00 19.05 16.28
CA ASN A 100 -5.17 20.45 15.93
C ASN A 100 -5.76 20.59 14.53
N GLN A 101 -5.24 19.81 13.57
CA GLN A 101 -5.72 19.95 12.19
C GLN A 101 -7.16 19.49 12.06
N ILE A 102 -7.53 18.42 12.76
CA ILE A 102 -8.89 17.95 12.69
C ILE A 102 -9.79 19.08 13.24
N ALA A 103 -9.40 19.72 14.34
CA ALA A 103 -10.18 20.87 14.90
C ALA A 103 -10.37 22.01 13.88
N THR A 104 -9.32 22.38 13.17
CA THR A 104 -9.39 23.40 12.10
C THR A 104 -10.27 23.05 10.93
N LEU A 105 -10.15 21.82 10.45
CA LEU A 105 -11.00 21.33 9.39
C LEU A 105 -12.49 21.35 9.75
N LYS A 106 -12.82 20.99 10.98
CA LYS A 106 -14.20 21.08 11.41
C LYS A 106 -14.72 22.53 11.50
N ILE A 107 -13.91 23.47 11.97
CA ILE A 107 -14.26 24.92 12.00
C ILE A 107 -14.56 25.44 10.57
N HIS A 108 -13.63 25.25 9.68
CA HIS A 108 -13.88 25.55 8.27
C HIS A 108 -15.02 24.82 7.58
N LEU A 109 -15.20 23.52 7.84
CA LEU A 109 -16.37 22.81 7.28
C LEU A 109 -17.66 23.44 7.80
N LYS A 110 -17.77 23.72 9.10
CA LYS A 110 -18.99 24.29 9.63
C LYS A 110 -19.30 25.61 8.90
N LYS A 111 -18.30 26.48 8.71
CA LYS A 111 -18.50 27.78 8.01
C LYS A 111 -18.97 27.54 6.58
N PHE A 112 -18.34 26.58 5.90
CA PHE A 112 -18.67 26.31 4.49
C PHE A 112 -20.13 25.89 4.36
N LEU A 113 -20.56 24.98 5.23
CA LEU A 113 -21.92 24.52 5.15
C LEU A 113 -22.89 25.63 5.46
N GLN A 114 -22.65 26.43 6.49
CA GLN A 114 -23.56 27.53 6.83
C GLN A 114 -23.66 28.54 5.72
N GLU A 115 -22.58 28.79 4.98
CA GLU A 115 -22.58 29.94 4.10
C GLU A 115 -22.80 29.50 2.68
N LYS A 116 -21.99 28.57 2.22
CA LYS A 116 -22.00 28.20 0.85
C LYS A 116 -23.09 27.22 0.52
N MET A 117 -23.45 26.33 1.46
CA MET A 117 -24.54 25.34 1.19
C MET A 117 -25.88 25.59 1.97
N ASP A 118 -26.03 26.83 2.46
CA ASP A 118 -27.28 27.35 3.06
C ASP A 118 -28.39 27.11 2.03
N PRO A 119 -29.46 26.39 2.43
CA PRO A 119 -30.59 26.15 1.57
C PRO A 119 -31.34 27.46 1.19
N ASN A 120 -31.05 28.57 1.85
CA ASN A 120 -31.71 29.82 1.45
C ASN A 120 -30.97 30.54 0.32
N ASN A 121 -29.81 30.01 -0.02
CA ASN A 121 -28.91 30.61 -0.98
C ASN A 121 -29.50 30.49 -2.35
N SER A 122 -29.39 31.50 -3.19
CA SER A 122 -29.91 31.30 -4.57
C SER A 122 -28.88 30.62 -5.51
N ARG A 123 -27.57 30.74 -5.22
CA ARG A 123 -26.52 29.96 -5.93
C ARG A 123 -26.91 28.52 -6.24
N ASP A 124 -26.71 28.19 -7.51
CA ASP A 124 -27.15 26.98 -8.15
C ASP A 124 -26.05 25.96 -8.40
N ASP A 125 -24.81 26.29 -8.02
CA ASP A 125 -23.68 25.52 -8.55
C ASP A 125 -23.31 24.30 -7.69
N TYR A 126 -24.21 23.33 -7.67
CA TYR A 126 -24.11 22.19 -6.77
C TYR A 126 -22.90 21.30 -7.04
N LYS A 127 -22.49 21.27 -8.30
CA LYS A 127 -21.41 20.41 -8.71
C LYS A 127 -20.12 21.03 -8.19
N ASP A 128 -19.94 22.34 -8.30
CA ASP A 128 -18.68 22.91 -7.81
C ASP A 128 -18.67 22.93 -6.27
N LEU A 129 -19.80 23.24 -5.62
CA LEU A 129 -19.88 23.18 -4.13
C LEU A 129 -19.56 21.78 -3.61
N THR A 130 -20.15 20.75 -4.19
CA THR A 130 -19.94 19.36 -3.77
C THR A 130 -18.47 18.94 -3.91
N CYS A 131 -17.87 19.31 -5.03
CA CYS A 131 -16.42 19.15 -5.23
C CYS A 131 -15.60 19.83 -4.13
N SER A 132 -15.78 21.15 -3.88
CA SER A 132 -15.07 21.80 -2.77
C SER A 132 -15.31 21.11 -1.43
N LEU A 133 -16.56 20.75 -1.16
CA LEU A 133 -16.87 20.12 0.13
C LEU A 133 -15.91 18.95 0.34
N TYR A 134 -15.83 18.06 -0.64
CA TYR A 134 -15.01 16.83 -0.47
C TYR A 134 -13.52 17.10 -0.56
N GLU A 135 -13.13 17.94 -1.52
CA GLU A 135 -11.71 18.19 -1.80
C GLU A 135 -11.05 19.03 -0.75
N LEU A 136 -11.81 19.92 -0.11
CA LEU A 136 -11.22 20.70 0.96
C LEU A 136 -11.40 20.10 2.35
N TYR A 137 -12.54 19.46 2.58
CA TYR A 137 -12.89 19.14 3.96
C TYR A 137 -13.14 17.65 4.13
N ILE A 138 -14.08 17.09 3.39
CA ILE A 138 -14.53 15.74 3.73
C ILE A 138 -13.42 14.72 3.47
N ASN A 139 -12.77 14.76 2.32
CA ASN A 139 -11.66 13.79 2.15
C ASN A 139 -10.56 13.90 3.22
N LYS A 140 -10.24 15.10 3.67
CA LYS A 140 -9.18 15.22 4.65
C LYS A 140 -9.57 14.66 5.99
N LEU A 141 -10.83 14.83 6.39
CA LEU A 141 -11.23 14.40 7.72
C LEU A 141 -11.43 12.87 7.68
N THR A 142 -11.81 12.35 6.52
CA THR A 142 -12.02 10.92 6.32
C THR A 142 -10.66 10.21 6.40
N ILE A 143 -9.63 10.79 5.80
CA ILE A 143 -8.22 10.28 5.97
C ILE A 143 -7.74 10.32 7.42
N LEU A 144 -7.88 11.47 8.11
CA LEU A 144 -7.51 11.59 9.52
C LEU A 144 -8.28 10.65 10.45
N GLY A 145 -9.56 10.46 10.19
CA GLY A 145 -10.41 9.64 11.07
C GLY A 145 -10.15 8.14 11.01
N ARG A 146 -9.41 7.70 10.00
CA ARG A 146 -8.97 6.34 10.01
C ARG A 146 -8.19 6.11 11.32
N ASP A 147 -7.22 6.96 11.64
CA ASP A 147 -6.39 6.67 12.81
C ASP A 147 -6.69 7.51 14.08
N TYR A 148 -7.19 8.72 13.87
CA TYR A 148 -7.45 9.68 14.92
C TYR A 148 -8.94 9.71 15.19
N PRO A 149 -9.34 9.78 16.46
CA PRO A 149 -10.79 9.96 16.72
C PRO A 149 -11.37 11.28 16.12
N ILE A 150 -12.52 11.18 15.51
CA ILE A 150 -13.21 12.34 14.98
C ILE A 150 -14.60 12.38 15.61
N GLU A 151 -14.99 13.56 16.04
CA GLU A 151 -16.24 13.73 16.73
C GLU A 151 -16.72 15.06 16.23
N VAL A 152 -18.00 15.28 16.26
CA VAL A 152 -18.50 16.47 15.62
C VAL A 152 -19.64 16.84 16.59
N ASP A 153 -19.85 18.14 16.87
CA ASP A 153 -21.00 18.50 17.67
C ASP A 153 -22.31 18.37 16.89
N GLU A 154 -23.40 18.36 17.66
CA GLU A 154 -24.73 18.26 17.11
C GLU A 154 -24.97 19.32 16.03
N GLU A 155 -24.49 20.53 16.28
CA GLU A 155 -24.68 21.59 15.29
C GLU A 155 -24.07 21.21 13.94
N LEU A 156 -22.82 20.77 13.99
CA LEU A 156 -22.08 20.48 12.79
C LEU A 156 -22.69 19.25 12.13
N LEU A 157 -23.00 18.23 12.90
CA LEU A 157 -23.56 17.02 12.29
C LEU A 157 -24.85 17.36 11.57
N GLN A 158 -25.68 18.17 12.26
CA GLN A 158 -26.98 18.60 11.71
C GLN A 158 -26.81 19.38 10.44
N LEU A 159 -25.77 20.23 10.36
CA LEU A 159 -25.49 21.00 9.12
C LEU A 159 -25.12 20.12 7.93
N PHE A 160 -24.19 19.19 8.15
CA PHE A 160 -23.85 18.22 7.17
C PHE A 160 -25.06 17.41 6.69
N LEU A 161 -25.83 16.85 7.61
CA LEU A 161 -27.02 16.05 7.24
C LEU A 161 -28.09 16.87 6.51
N ASN A 162 -28.40 18.07 7.02
CA ASN A 162 -29.45 18.93 6.43
C ASN A 162 -28.97 19.70 5.17
N ASN A 163 -27.78 20.31 5.22
CA ASN A 163 -27.41 21.25 4.13
C ASN A 163 -26.80 20.51 2.91
N PHE A 164 -26.22 19.32 3.16
CA PHE A 164 -25.66 18.47 2.13
C PHE A 164 -26.41 17.12 1.91
N VAL A 165 -26.31 16.19 2.86
CA VAL A 165 -26.78 14.81 2.65
C VAL A 165 -28.22 14.70 2.21
N SER A 166 -29.14 15.37 2.93
CA SER A 166 -30.57 15.34 2.60
C SER A 166 -30.88 15.97 1.27
N ARG A 167 -29.99 16.83 0.77
CA ARG A 167 -30.23 17.55 -0.47
C ARG A 167 -29.62 16.91 -1.74
N ILE A 168 -28.81 15.87 -1.58
CA ILE A 168 -28.26 15.14 -2.73
C ILE A 168 -29.29 14.87 -3.81
N PRO A 169 -30.52 14.39 -3.47
CA PRO A 169 -31.37 14.03 -4.61
C PRO A 169 -31.90 15.23 -5.40
N ILE A 170 -32.01 16.43 -4.81
CA ILE A 170 -32.29 17.62 -5.61
C ILE A 170 -30.99 18.19 -6.24
N MET A 171 -29.84 18.05 -5.58
CA MET A 171 -28.60 18.55 -6.21
C MET A 171 -28.23 17.68 -7.42
N PHE A 172 -28.73 16.44 -7.43
CA PHE A 172 -28.21 15.40 -8.27
C PHE A 172 -28.32 15.69 -9.78
N GLN A 173 -29.38 16.41 -10.22
CA GLN A 173 -29.54 16.87 -11.61
C GLN A 173 -28.39 17.69 -12.14
N ASP A 174 -27.62 18.32 -11.25
CA ASP A 174 -26.47 19.15 -11.68
C ASP A 174 -25.17 18.37 -11.73
N PHE A 175 -25.14 17.13 -11.28
CA PHE A 175 -23.86 16.45 -11.13
C PHE A 175 -23.38 15.88 -12.46
N ASP A 176 -22.07 15.83 -12.67
CA ASP A 176 -21.52 14.97 -13.71
C ASP A 176 -21.01 13.71 -13.02
N ASP A 177 -20.40 12.81 -13.77
CA ASP A 177 -19.93 11.54 -13.25
C ASP A 177 -18.77 11.70 -12.30
N SER A 178 -17.86 12.62 -12.58
CA SER A 178 -16.72 12.71 -11.69
C SER A 178 -17.05 13.39 -10.32
N THR A 179 -18.06 14.26 -10.28
CA THR A 179 -18.59 14.78 -9.02
C THR A 179 -19.26 13.67 -8.20
N ALA A 180 -20.14 12.88 -8.84
CA ALA A 180 -20.78 11.81 -8.12
C ALA A 180 -19.68 10.93 -7.56
N GLN A 181 -18.69 10.58 -8.37
CA GLN A 181 -17.61 9.67 -7.92
C GLN A 181 -16.97 10.16 -6.58
N GLU A 182 -16.92 11.47 -6.39
CA GLU A 182 -16.31 12.00 -5.17
C GLU A 182 -17.15 11.73 -3.92
N ILE A 183 -18.47 11.65 -4.09
CA ILE A 183 -19.35 11.54 -2.95
C ILE A 183 -19.20 10.18 -2.30
N ASN A 184 -18.98 10.15 -1.00
CA ASN A 184 -19.09 8.89 -0.26
C ASN A 184 -19.42 9.26 1.21
N PHE A 185 -19.76 8.27 2.01
CA PHE A 185 -20.18 8.51 3.38
C PHE A 185 -19.36 7.83 4.41
N LYS A 186 -18.11 7.50 4.07
CA LYS A 186 -17.16 6.90 5.02
C LYS A 186 -16.98 7.80 6.28
N MET A 187 -16.91 9.13 6.12
CA MET A 187 -16.84 10.01 7.31
C MET A 187 -18.02 9.74 8.30
N LEU A 188 -19.22 9.54 7.80
CA LEU A 188 -20.33 9.20 8.70
C LEU A 188 -20.10 7.87 9.46
N VAL A 189 -19.50 6.88 8.78
CA VAL A 189 -19.24 5.60 9.38
C VAL A 189 -18.23 5.74 10.49
N LEU A 190 -17.13 6.45 10.16
CA LEU A 190 -16.09 6.77 11.12
C LEU A 190 -16.62 7.53 12.37
N LEU A 191 -17.45 8.55 12.14
CA LEU A 191 -18.05 9.32 13.23
C LEU A 191 -18.84 8.37 14.15
N ALA A 192 -19.71 7.55 13.57
CA ALA A 192 -20.47 6.52 14.33
C ALA A 192 -19.53 5.53 15.01
N THR A 193 -18.54 4.97 14.32
CA THR A 193 -17.68 3.98 15.02
C THR A 193 -16.82 4.55 16.17
N TRP A 194 -16.35 5.78 16.04
CA TRP A 194 -15.62 6.41 17.14
C TRP A 194 -16.57 6.70 18.29
N ASN A 195 -17.79 7.16 17.99
CA ASN A 195 -18.80 7.41 18.99
C ASN A 195 -19.16 6.11 19.75
N LEU A 196 -19.31 4.99 19.06
CA LEU A 196 -19.61 3.71 19.75
C LEU A 196 -18.48 3.31 20.66
N GLU A 197 -17.27 3.58 20.19
CA GLU A 197 -16.05 3.26 20.91
C GLU A 197 -15.92 4.05 22.21
N LYS A 198 -16.30 5.34 22.17
CA LYS A 198 -16.33 6.17 23.37
C LYS A 198 -17.32 5.59 24.36
N TRP A 199 -18.43 5.03 23.87
CA TRP A 199 -19.45 4.55 24.79
C TRP A 199 -19.06 3.21 25.36
N ARG A 200 -18.39 2.39 24.54
CA ARG A 200 -17.94 1.06 24.95
C ARG A 200 -17.14 1.12 26.29
N GLU A 201 -16.21 2.07 26.35
CA GLU A 201 -15.35 2.27 27.49
C GLU A 201 -16.13 2.70 28.69
N ILE A 202 -16.97 3.73 28.51
CA ILE A 202 -17.83 4.20 29.58
C ILE A 202 -18.66 3.04 30.12
N ILE A 203 -19.30 2.29 29.24
CA ILE A 203 -20.17 1.19 29.66
C ILE A 203 -19.47 -0.02 30.30
N GLU A 204 -18.29 -0.37 29.80
CA GLU A 204 -17.47 -1.48 30.31
C GLU A 204 -16.99 -1.18 31.72
N LYS A 205 -16.52 0.05 31.91
CA LYS A 205 -15.99 0.50 33.19
C LYS A 205 -16.73 1.75 33.67
N VAL A 206 -18.06 1.77 33.45
CA VAL A 206 -19.04 2.45 34.34
C VAL A 206 -19.83 1.29 34.84
N ARG A 207 -20.55 0.64 33.93
CA ARG A 207 -21.60 -0.30 34.29
C ARG A 207 -22.53 0.54 35.22
N ASP A 208 -23.55 -0.09 35.83
CA ASP A 208 -24.55 0.55 36.76
C ASP A 208 -25.92 -0.12 36.51
N LEU A 217 -29.33 9.77 29.93
CA LEU A 217 -29.35 8.58 29.07
C LEU A 217 -30.28 8.76 27.87
N ARG A 218 -30.94 9.92 27.86
CA ARG A 218 -32.04 10.29 26.96
C ARG A 218 -31.66 10.37 25.47
N SER A 219 -30.41 10.72 25.21
CA SER A 219 -30.00 11.06 23.87
C SER A 219 -28.55 10.66 23.61
N VAL A 220 -28.08 9.68 24.37
CA VAL A 220 -26.88 8.96 24.04
C VAL A 220 -26.82 8.55 22.53
N TRP A 221 -27.93 8.13 21.96
CA TRP A 221 -27.95 7.52 20.64
C TRP A 221 -28.29 8.51 19.53
N LYS A 222 -28.52 9.76 19.94
CA LYS A 222 -29.02 10.75 19.05
C LYS A 222 -28.17 10.93 17.79
N PRO A 223 -26.85 11.17 17.91
CA PRO A 223 -26.10 11.36 16.62
C PRO A 223 -26.12 10.09 15.70
N ILE A 224 -25.95 8.88 16.24
CA ILE A 224 -25.99 7.69 15.42
C ILE A 224 -27.36 7.47 14.81
N ALA A 225 -28.40 7.62 15.60
CA ALA A 225 -29.77 7.53 15.10
C ALA A 225 -30.04 8.61 14.02
N ALA A 226 -29.46 9.81 14.18
CA ALA A 226 -29.62 10.81 13.13
C ALA A 226 -28.96 10.35 11.81
N ILE A 227 -27.74 9.81 11.92
CA ILE A 227 -27.03 9.35 10.75
C ILE A 227 -27.74 8.20 10.08
N ILE A 228 -28.14 7.19 10.86
CA ILE A 228 -28.83 6.04 10.26
C ILE A 228 -30.18 6.47 9.65
N GLY A 229 -30.89 7.35 10.37
CA GLY A 229 -32.18 7.92 9.88
C GLY A 229 -31.99 8.56 8.54
N ARG A 230 -30.93 9.35 8.39
CA ARG A 230 -30.74 10.10 7.19
C ARG A 230 -30.33 9.22 6.00
N LEU A 231 -29.44 8.26 6.25
CA LEU A 231 -29.04 7.31 5.19
C LEU A 231 -30.20 6.47 4.68
N ASN A 232 -31.06 6.00 5.61
CA ASN A 232 -32.31 5.34 5.18
C ASN A 232 -33.10 6.20 4.23
N THR A 233 -33.29 7.45 4.60
CA THR A 233 -34.16 8.31 3.75
C THR A 233 -33.51 8.63 2.41
N LEU A 234 -32.18 8.87 2.41
CA LEU A 234 -31.43 9.16 1.18
C LEU A 234 -31.53 7.98 0.23
N VAL A 235 -31.24 6.77 0.72
CA VAL A 235 -31.42 5.57 -0.11
C VAL A 235 -32.84 5.52 -0.72
N ILE A 236 -33.86 5.75 0.10
CA ILE A 236 -35.23 5.68 -0.39
C ILE A 236 -35.42 6.80 -1.45
N SER A 237 -34.91 8.03 -1.25
CA SER A 237 -35.17 9.07 -2.26
C SER A 237 -34.42 8.86 -3.55
N LEU A 238 -33.20 8.32 -3.46
CA LEU A 238 -32.44 8.04 -4.66
C LEU A 238 -33.18 7.02 -5.49
N ALA A 239 -33.79 6.02 -4.87
CA ALA A 239 -34.58 5.04 -5.65
C ALA A 239 -35.72 5.68 -6.39
N ALA A 240 -36.23 6.80 -5.89
CA ALA A 240 -37.36 7.44 -6.62
C ALA A 240 -36.89 8.39 -7.70
N THR A 241 -35.59 8.50 -7.92
CA THR A 241 -35.11 9.34 -8.98
C THR A 241 -35.20 8.69 -10.35
N ASN A 242 -35.71 9.42 -11.33
CA ASN A 242 -35.78 8.91 -12.72
C ASN A 242 -34.42 8.57 -13.33
N GLU A 243 -34.32 7.38 -13.92
CA GLU A 243 -33.07 6.95 -14.52
C GLU A 243 -33.05 7.41 -15.99
N THR A 244 -31.91 7.91 -16.44
CA THR A 244 -31.73 8.29 -17.84
C THR A 244 -30.44 7.65 -18.29
N PHE A 245 -30.24 7.59 -19.60
CA PHE A 245 -28.96 7.12 -20.08
C PHE A 245 -27.81 7.90 -19.43
N GLU A 246 -27.97 9.22 -19.29
CA GLU A 246 -26.92 10.09 -18.77
C GLU A 246 -26.65 9.92 -17.29
N ASN A 247 -27.72 9.75 -16.51
CA ASN A 247 -27.53 9.67 -15.04
C ASN A 247 -27.43 8.28 -14.39
N ILE A 248 -27.64 7.22 -15.17
CA ILE A 248 -27.84 5.91 -14.59
C ILE A 248 -26.63 5.33 -13.85
N ASN A 249 -25.42 5.49 -14.40
CA ASN A 249 -24.22 4.97 -13.73
C ASN A 249 -23.94 5.66 -12.41
N SER A 250 -24.08 6.98 -12.38
CA SER A 250 -23.80 7.75 -11.18
C SER A 250 -24.89 7.56 -10.16
N LEU A 251 -26.11 7.29 -10.63
CA LEU A 251 -27.20 7.09 -9.70
C LEU A 251 -27.00 5.75 -8.99
N PHE A 252 -26.61 4.72 -9.73
CA PHE A 252 -26.35 3.44 -9.08
C PHE A 252 -25.13 3.57 -8.18
N TYR A 253 -24.15 4.37 -8.54
CA TYR A 253 -23.03 4.52 -7.65
C TYR A 253 -23.48 5.16 -6.32
N LEU A 254 -24.22 6.23 -6.39
CA LEU A 254 -24.64 6.90 -5.16
C LEU A 254 -25.51 5.96 -4.24
N LYS A 255 -26.42 5.20 -4.84
CA LYS A 255 -27.21 4.22 -4.10
C LYS A 255 -26.31 3.24 -3.37
N TRP A 256 -25.41 2.63 -4.13
CA TRP A 256 -24.46 1.69 -3.57
C TRP A 256 -23.69 2.34 -2.45
N SER A 257 -23.20 3.56 -2.72
CA SER A 257 -22.40 4.24 -1.70
C SER A 257 -23.15 4.45 -0.38
N ALA A 258 -24.37 4.94 -0.46
CA ALA A 258 -25.17 5.16 0.73
C ALA A 258 -25.57 3.80 1.37
N CYS A 259 -25.96 2.83 0.54
CA CYS A 259 -26.28 1.45 1.05
C CYS A 259 -25.12 0.83 1.80
N THR A 260 -23.94 0.91 1.23
CA THR A 260 -22.74 0.37 1.87
C THR A 260 -22.49 1.02 3.23
N SER A 261 -22.49 2.34 3.33
CA SER A 261 -22.18 3.00 4.59
C SER A 261 -23.23 2.69 5.66
N LEU A 262 -24.50 2.66 5.26
CA LEU A 262 -25.62 2.32 6.11
C LEU A 262 -25.39 0.89 6.64
N MET A 263 -24.98 -0.02 5.79
CA MET A 263 -24.74 -1.41 6.20
C MET A 263 -23.66 -1.47 7.25
N ASP A 264 -22.59 -0.71 6.99
CA ASP A 264 -21.43 -0.72 7.87
C ASP A 264 -21.78 -0.17 9.24
N ILE A 265 -22.68 0.84 9.28
CA ILE A 265 -23.07 1.42 10.55
C ILE A 265 -24.00 0.45 11.34
N ILE A 266 -24.92 -0.18 10.61
CA ILE A 266 -25.76 -1.15 11.26
C ILE A 266 -24.97 -2.29 11.85
N VAL A 267 -23.99 -2.79 11.09
CA VAL A 267 -23.27 -3.94 11.58
C VAL A 267 -22.52 -3.60 12.85
N ALA A 268 -21.92 -2.40 12.84
CA ALA A 268 -21.13 -1.85 13.96
C ALA A 268 -21.94 -1.76 15.25
N ILE A 269 -23.07 -1.07 15.17
CA ILE A 269 -23.97 -0.89 16.31
C ILE A 269 -24.38 -2.24 16.84
N LYS A 270 -24.84 -3.11 15.93
CA LYS A 270 -25.22 -4.51 16.30
C LYS A 270 -24.13 -5.29 16.99
N ILE A 271 -22.91 -5.14 16.52
CA ILE A 271 -21.83 -5.85 17.11
C ILE A 271 -21.47 -5.21 18.47
N PHE A 272 -21.50 -3.88 18.51
CA PHE A 272 -21.29 -3.15 19.75
C PHE A 272 -22.23 -3.70 20.82
N GLU A 273 -23.48 -3.86 20.43
CA GLU A 273 -24.51 -4.37 21.32
C GLU A 273 -24.18 -5.80 21.82
N LEU A 274 -23.71 -6.65 20.91
CA LEU A 274 -23.37 -8.02 21.31
C LEU A 274 -22.19 -8.04 22.27
N LYS A 275 -21.45 -6.94 22.34
CA LYS A 275 -20.26 -6.90 23.17
C LYS A 275 -20.54 -6.11 24.43
N LEU A 276 -21.81 -5.96 24.75
CA LEU A 276 -22.22 -5.32 25.98
C LEU A 276 -22.26 -6.41 27.09
N PRO A 277 -21.81 -6.07 28.32
CA PRO A 277 -21.90 -6.98 29.47
C PRO A 277 -23.37 -7.32 29.78
N ALA A 278 -23.59 -8.48 30.39
CA ALA A 278 -24.96 -8.90 30.76
C ALA A 278 -25.69 -7.92 31.70
N ASP A 279 -24.93 -7.16 32.50
CA ASP A 279 -25.49 -6.17 33.47
C ASP A 279 -25.68 -4.72 32.92
N ALA A 280 -25.50 -4.54 31.62
CA ALA A 280 -25.79 -3.26 30.95
C ALA A 280 -27.22 -3.25 30.43
N THR A 281 -28.18 -3.61 31.27
CA THR A 281 -29.56 -3.78 30.78
C THR A 281 -30.29 -2.44 30.54
N THR A 282 -29.84 -1.38 31.20
CA THR A 282 -30.34 -0.03 30.89
C THR A 282 -29.86 0.43 29.51
N TRP A 283 -28.65 0.01 29.12
CA TRP A 283 -28.03 0.44 27.89
C TRP A 283 -28.76 -0.22 26.76
N ARG A 284 -28.93 -1.53 26.89
CA ARG A 284 -29.63 -2.32 25.90
C ARG A 284 -31.07 -1.87 25.71
N TYR A 285 -31.72 -1.45 26.78
CA TYR A 285 -33.07 -0.92 26.68
C TYR A 285 -33.14 0.42 25.92
N SER A 286 -32.16 1.30 26.18
CA SER A 286 -32.12 2.63 25.57
C SER A 286 -31.94 2.54 24.06
N MET A 287 -31.23 1.50 23.61
CA MET A 287 -31.03 1.22 22.18
C MET A 287 -32.31 0.79 21.46
N SER A 288 -33.14 -0.04 22.09
CA SER A 288 -34.40 -0.45 21.43
C SER A 288 -35.42 0.68 21.59
N GLU A 289 -35.26 1.45 22.64
CA GLU A 289 -36.01 2.69 22.81
C GLU A 289 -35.68 3.68 21.66
N GLN A 290 -34.40 3.81 21.29
CA GLN A 290 -33.97 4.92 20.42
C GLN A 290 -33.75 4.52 18.96
N PHE A 291 -33.78 3.22 18.70
CA PHE A 291 -33.71 2.61 17.35
C PHE A 291 -34.87 1.64 17.12
N PRO A 292 -36.08 2.21 16.86
CA PRO A 292 -37.25 1.43 16.41
C PRO A 292 -36.97 0.60 15.11
N PHE A 293 -36.04 1.05 14.25
CA PHE A 293 -35.55 0.18 13.17
C PHE A 293 -34.11 0.54 12.88
N TYR A 294 -33.38 -0.37 12.27
CA TYR A 294 -32.07 0.03 11.72
C TYR A 294 -32.16 0.19 10.21
N LEU A 295 -32.90 -0.72 9.60
CA LEU A 295 -33.07 -0.71 8.16
C LEU A 295 -34.57 -0.57 7.91
N HIS A 296 -34.96 0.51 7.27
CA HIS A 296 -36.35 0.68 6.90
C HIS A 296 -36.69 -0.29 5.77
N ASP A 297 -37.87 -0.91 5.76
CA ASP A 297 -38.25 -1.80 4.66
C ASP A 297 -38.07 -1.19 3.28
N ASN A 298 -38.38 0.07 3.10
CA ASN A 298 -38.23 0.63 1.79
C ASN A 298 -36.74 0.79 1.42
N ALA A 299 -35.85 0.89 2.40
CA ALA A 299 -34.43 0.97 2.12
C ALA A 299 -33.91 -0.44 1.77
N SER A 300 -34.45 -1.43 2.46
CA SER A 300 -34.17 -2.82 2.19
C SER A 300 -34.43 -3.18 0.71
N LYS A 301 -35.52 -2.65 0.13
CA LYS A 301 -35.79 -2.82 -1.31
C LYS A 301 -34.63 -2.33 -2.22
N VAL A 302 -34.02 -1.20 -1.85
CA VAL A 302 -32.93 -0.62 -2.58
C VAL A 302 -31.63 -1.44 -2.38
N LEU A 303 -31.41 -2.01 -1.18
CA LEU A 303 -30.30 -2.94 -0.98
C LEU A 303 -30.36 -4.10 -1.97
N LEU A 304 -31.51 -4.74 -2.10
CA LEU A 304 -31.68 -5.84 -3.02
C LEU A 304 -31.43 -5.34 -4.45
N LYS A 305 -31.94 -4.16 -4.79
CA LYS A 305 -31.73 -3.68 -6.14
C LYS A 305 -30.25 -3.51 -6.46
N ILE A 306 -29.46 -3.04 -5.49
CA ILE A 306 -28.03 -2.90 -5.66
C ILE A 306 -27.27 -4.23 -5.70
N PHE A 307 -27.64 -5.20 -4.84
CA PHE A 307 -27.16 -6.55 -4.99
C PHE A 307 -27.38 -7.02 -6.44
N LEU A 308 -28.58 -6.78 -6.96
CA LEU A 308 -28.93 -7.21 -8.31
C LEU A 308 -28.11 -6.54 -9.44
N TYR A 309 -27.85 -5.26 -9.27
CA TYR A 309 -26.98 -4.45 -10.12
C TYR A 309 -25.56 -5.02 -10.19
N LEU A 310 -24.95 -5.20 -9.04
CA LEU A 310 -23.61 -5.78 -8.99
C LEU A 310 -23.54 -7.25 -9.48
N GLU A 311 -24.51 -8.11 -9.13
CA GLU A 311 -24.68 -9.47 -9.71
C GLU A 311 -24.61 -9.45 -11.26
N SER A 312 -25.36 -8.54 -11.85
CA SER A 312 -25.47 -8.46 -13.26
C SER A 312 -24.19 -7.97 -13.90
N LEU A 313 -23.50 -7.04 -13.23
CA LEU A 313 -22.27 -6.50 -13.76
C LEU A 313 -21.26 -7.64 -13.65
N PHE A 314 -21.25 -8.29 -12.50
CA PHE A 314 -20.30 -9.38 -12.34
C PHE A 314 -20.57 -10.49 -13.37
N ALA A 315 -21.84 -10.82 -13.58
CA ALA A 315 -22.17 -11.87 -14.51
C ALA A 315 -21.75 -11.52 -15.92
N LYS A 316 -21.85 -10.26 -16.31
CA LYS A 316 -21.56 -9.87 -17.70
C LYS A 316 -20.07 -10.08 -17.88
N GLN A 317 -19.32 -9.67 -16.87
CA GLN A 317 -17.90 -9.84 -16.81
C GLN A 317 -17.40 -11.28 -17.03
N VAL A 318 -18.09 -12.23 -16.40
CA VAL A 318 -17.70 -13.65 -16.46
C VAL A 318 -18.59 -14.41 -17.47
N ASP A 319 -19.33 -13.67 -18.30
CA ASP A 319 -20.19 -14.29 -19.34
C ASP A 319 -21.09 -15.42 -18.82
N VAL A 320 -21.73 -15.18 -17.71
CA VAL A 320 -22.60 -16.14 -17.09
C VAL A 320 -24.01 -15.61 -17.31
N GLN A 321 -24.91 -16.52 -17.66
CA GLN A 321 -26.35 -16.24 -17.74
C GLN A 321 -27.09 -16.51 -16.41
N LEU A 322 -27.67 -15.45 -15.85
CA LEU A 322 -28.26 -15.50 -14.55
C LEU A 322 -29.67 -16.00 -14.58
N GLU A 323 -30.09 -16.61 -13.50
CA GLU A 323 -31.50 -16.82 -13.30
C GLU A 323 -32.09 -15.62 -12.55
N ARG A 324 -33.36 -15.37 -12.80
CA ARG A 324 -34.09 -14.22 -12.30
C ARG A 324 -35.50 -14.61 -11.87
N VAL A 325 -35.94 -14.09 -10.71
CA VAL A 325 -37.33 -14.19 -10.30
C VAL A 325 -38.15 -13.28 -11.26
N ALA A 326 -39.42 -13.60 -11.45
CA ALA A 326 -40.24 -13.03 -12.54
C ALA A 326 -40.14 -11.51 -12.75
N ASP A 327 -40.11 -10.78 -11.64
CA ASP A 327 -40.36 -9.34 -11.69
C ASP A 327 -39.13 -8.45 -11.53
N GLU A 328 -37.98 -8.88 -12.03
CA GLU A 328 -36.77 -8.07 -11.90
C GLU A 328 -36.63 -7.07 -13.04
N ASP A 329 -36.06 -5.92 -12.73
CA ASP A 329 -35.83 -4.87 -13.72
C ASP A 329 -35.13 -5.42 -14.98
N ALA A 330 -35.70 -5.18 -16.16
CA ALA A 330 -35.14 -5.69 -17.43
C ALA A 330 -34.03 -4.78 -17.92
N ASN A 331 -33.87 -3.67 -17.22
CA ASN A 331 -32.66 -2.86 -17.17
C ASN A 331 -31.44 -3.75 -17.02
N LEU A 332 -31.54 -4.71 -16.08
CA LEU A 332 -30.44 -5.55 -15.58
C LEU A 332 -29.86 -6.49 -16.59
N ASN A 333 -30.52 -6.65 -17.73
CA ASN A 333 -30.09 -7.60 -18.72
C ASN A 333 -29.01 -7.08 -19.64
N ASP A 334 -29.00 -5.79 -19.87
CA ASP A 334 -27.91 -5.17 -20.61
C ASP A 334 -27.73 -3.79 -20.03
N LEU A 335 -27.14 -3.78 -18.85
CA LEU A 335 -26.72 -2.56 -18.19
C LEU A 335 -25.62 -1.86 -19.00
N PRO A 336 -25.57 -0.53 -18.94
CA PRO A 336 -24.49 0.18 -19.64
C PRO A 336 -23.16 -0.11 -18.93
N GLU A 337 -22.02 0.03 -19.60
CA GLU A 337 -20.70 -0.18 -18.94
C GLU A 337 -20.41 0.98 -18.00
N THR A 338 -19.65 0.74 -16.94
CA THR A 338 -19.49 1.72 -15.87
C THR A 338 -18.08 1.89 -15.42
N GLY A 339 -17.65 3.15 -15.38
CA GLY A 339 -16.34 3.47 -14.83
C GLY A 339 -16.31 3.55 -13.30
N PHE A 340 -17.47 3.37 -12.65
CA PHE A 340 -17.54 3.62 -11.23
C PHE A 340 -17.03 2.43 -10.41
N PHE A 341 -17.11 1.25 -11.00
CA PHE A 341 -16.69 0.05 -10.29
C PHE A 341 -15.54 -0.61 -11.06
N GLU A 342 -14.28 -0.39 -10.64
CA GLU A 342 -13.17 -1.01 -11.35
C GLU A 342 -12.97 -2.47 -10.95
N ASN A 343 -12.91 -2.80 -9.67
CA ASN A 343 -12.95 -4.25 -9.42
C ASN A 343 -14.35 -4.76 -9.04
N ILE A 344 -15.16 -5.03 -10.07
CA ILE A 344 -16.54 -5.45 -9.87
C ILE A 344 -16.62 -6.75 -9.04
N GLU A 345 -15.74 -7.70 -9.29
CA GLU A 345 -15.76 -8.89 -8.46
C GLU A 345 -15.52 -8.59 -6.96
N THR A 346 -14.48 -7.83 -6.67
CA THR A 346 -14.24 -7.51 -5.25
C THR A 346 -15.49 -6.84 -4.70
N GLU A 347 -16.02 -5.88 -5.44
CA GLU A 347 -17.14 -5.10 -4.93
C GLU A 347 -18.40 -5.97 -4.74
N PHE A 348 -18.69 -6.80 -5.74
CA PHE A 348 -19.82 -7.71 -5.65
C PHE A 348 -19.72 -8.65 -4.43
N LEU A 349 -18.56 -9.29 -4.35
CA LEU A 349 -18.22 -10.09 -3.20
C LEU A 349 -18.27 -9.29 -1.87
N LEU A 350 -17.63 -8.11 -1.83
CA LEU A 350 -17.67 -7.31 -0.61
C LEU A 350 -19.11 -7.02 -0.21
N PHE A 351 -19.97 -6.68 -1.18
CA PHE A 351 -21.37 -6.32 -0.88
C PHE A 351 -22.11 -7.52 -0.41
N THR A 352 -21.77 -8.69 -0.95
CA THR A 352 -22.45 -9.93 -0.56
C THR A 352 -22.06 -10.29 0.87
N VAL A 353 -20.79 -10.07 1.18
CA VAL A 353 -20.35 -10.40 2.53
C VAL A 353 -21.09 -9.56 3.55
N LYS A 354 -21.18 -8.24 3.31
CA LYS A 354 -22.01 -7.34 4.18
C LYS A 354 -23.47 -7.74 4.23
N LEU A 355 -24.06 -8.18 3.11
CA LEU A 355 -25.45 -8.66 3.23
C LEU A 355 -25.55 -9.92 4.07
N LYS A 356 -24.50 -10.75 4.08
CA LYS A 356 -24.49 -11.98 4.89
C LYS A 356 -24.48 -11.57 6.36
N GLY A 357 -23.63 -10.57 6.69
CA GLY A 357 -23.68 -9.99 8.04
C GLY A 357 -25.10 -9.73 8.50
N LEU A 358 -25.85 -8.98 7.70
CA LEU A 358 -27.18 -8.55 8.06
C LEU A 358 -28.19 -9.70 8.16
N MET A 359 -27.91 -10.77 7.40
CA MET A 359 -28.79 -11.92 7.35
C MET A 359 -28.62 -12.58 8.69
N LYS A 360 -27.36 -12.78 9.05
CA LYS A 360 -27.00 -13.44 10.28
C LYS A 360 -27.40 -12.65 11.52
N LEU A 361 -27.65 -11.34 11.38
CA LEU A 361 -28.17 -10.55 12.52
C LEU A 361 -29.71 -10.37 12.47
N ASN A 362 -30.32 -11.05 11.50
CA ASN A 362 -31.76 -10.91 11.19
C ASN A 362 -32.18 -9.48 10.93
N ILE A 363 -31.51 -8.82 10.01
CA ILE A 363 -32.03 -7.54 9.63
C ILE A 363 -32.77 -7.69 8.31
N LEU A 364 -32.38 -8.68 7.52
CA LEU A 364 -32.99 -8.94 6.20
C LEU A 364 -33.97 -10.11 6.18
N ASP A 365 -35.05 -9.95 5.40
CA ASP A 365 -36.12 -10.96 5.24
C ASP A 365 -35.67 -12.18 4.44
N GLU A 366 -36.18 -13.36 4.81
CA GLU A 366 -35.79 -14.62 4.14
C GLU A 366 -35.94 -14.61 2.57
N ARG A 367 -36.86 -13.80 2.07
CA ARG A 367 -37.10 -13.64 0.64
C ARG A 367 -35.88 -13.01 -0.01
N PHE A 368 -35.25 -12.13 0.75
CA PHE A 368 -34.01 -11.50 0.40
C PHE A 368 -32.93 -12.58 0.46
N ALA A 369 -32.94 -13.42 1.50
CA ALA A 369 -31.91 -14.48 1.60
C ALA A 369 -31.97 -15.43 0.42
N SER A 370 -33.18 -15.73 -0.03
CA SER A 370 -33.35 -16.64 -1.13
C SER A 370 -32.82 -16.12 -2.45
N ARG A 371 -33.01 -14.83 -2.68
CA ARG A 371 -32.71 -14.29 -3.95
C ARG A 371 -31.18 -14.26 -4.04
N VAL A 372 -30.53 -14.00 -2.92
CA VAL A 372 -29.08 -13.82 -2.87
C VAL A 372 -28.46 -15.15 -3.31
N ALA A 373 -29.06 -16.26 -2.88
CA ALA A 373 -28.57 -17.61 -3.15
C ALA A 373 -28.93 -18.20 -4.53
N LEU A 374 -29.84 -17.55 -5.26
CA LEU A 374 -30.41 -18.11 -6.48
C LEU A 374 -29.36 -18.51 -7.51
N ASN A 375 -28.37 -17.66 -7.70
CA ASN A 375 -27.32 -17.94 -8.67
C ASN A 375 -26.01 -18.47 -8.11
N LYS A 376 -26.09 -19.13 -6.95
CA LYS A 376 -24.89 -19.52 -6.19
C LYS A 376 -24.10 -20.60 -6.91
N GLU A 377 -24.70 -21.32 -7.84
CA GLU A 377 -23.91 -22.30 -8.58
C GLU A 377 -23.06 -21.65 -9.69
N LYS A 378 -23.40 -20.45 -10.10
CA LYS A 378 -22.95 -19.96 -11.37
C LYS A 378 -21.80 -18.97 -11.28
N LEU A 379 -21.55 -18.41 -10.10
CA LEU A 379 -20.68 -17.26 -10.02
C LEU A 379 -19.36 -17.53 -9.37
N GLY A 380 -18.93 -18.79 -9.38
CA GLY A 380 -17.59 -19.12 -8.92
C GLY A 380 -17.70 -19.64 -7.51
N PRO A 381 -16.63 -20.32 -7.03
CA PRO A 381 -16.65 -21.04 -5.75
C PRO A 381 -16.52 -20.08 -4.56
N LEU A 382 -16.11 -18.85 -4.77
CA LEU A 382 -16.00 -18.01 -3.63
C LEU A 382 -17.41 -17.49 -3.25
N PHE A 383 -18.16 -17.03 -4.25
CA PHE A 383 -19.51 -16.56 -4.00
C PHE A 383 -20.35 -17.66 -3.40
N LYS A 384 -20.20 -18.86 -3.93
CA LYS A 384 -20.87 -20.03 -3.41
C LYS A 384 -20.62 -20.24 -1.90
N LYS A 385 -19.35 -20.12 -1.48
CA LYS A 385 -18.98 -20.30 -0.07
C LYS A 385 -19.58 -19.20 0.80
N ILE A 386 -19.44 -17.95 0.36
CA ILE A 386 -20.07 -16.82 1.07
C ILE A 386 -21.51 -17.16 1.43
N VAL A 387 -22.33 -17.53 0.45
CA VAL A 387 -23.71 -17.94 0.72
C VAL A 387 -23.85 -19.30 1.45
N ASP B 2 -4.91 -2.00 18.08
CA ASP B 2 -6.13 -2.86 17.87
C ASP B 2 -5.93 -3.98 16.82
N SER B 3 -5.72 -5.21 17.30
CA SER B 3 -5.32 -6.33 16.42
C SER B 3 -6.31 -6.58 15.30
N VAL B 4 -7.60 -6.51 15.57
CA VAL B 4 -8.55 -6.78 14.48
C VAL B 4 -8.59 -5.64 13.46
N LYS B 5 -8.40 -4.42 13.94
CA LYS B 5 -8.41 -3.28 13.08
C LYS B 5 -7.10 -3.21 12.28
N GLU B 6 -5.95 -3.49 12.89
CA GLU B 6 -4.65 -3.31 12.17
C GLU B 6 -4.11 -4.61 11.53
N ILE B 7 -4.56 -5.77 11.98
CA ILE B 7 -3.99 -7.00 11.45
C ILE B 7 -5.03 -7.85 10.73
N VAL B 8 -6.07 -8.24 11.44
CA VAL B 8 -6.99 -9.27 10.98
C VAL B 8 -7.84 -8.82 9.78
N LEU B 9 -8.49 -7.65 9.89
CA LEU B 9 -9.37 -7.14 8.81
C LEU B 9 -8.63 -6.83 7.51
N PRO B 10 -7.53 -6.03 7.60
CA PRO B 10 -6.69 -5.84 6.41
C PRO B 10 -6.26 -7.17 5.76
N LEU B 11 -5.93 -8.20 6.54
CA LEU B 11 -5.59 -9.52 5.94
C LEU B 11 -6.80 -10.10 5.18
N PHE B 12 -7.96 -10.14 5.85
CA PHE B 12 -9.18 -10.57 5.22
C PHE B 12 -9.51 -9.83 3.90
N TYR B 13 -9.45 -8.49 3.90
CA TYR B 13 -9.72 -7.73 2.68
C TYR B 13 -8.71 -8.01 1.55
N ASP B 14 -7.43 -8.12 1.92
CA ASP B 14 -6.38 -8.45 0.97
C ASP B 14 -6.59 -9.80 0.33
N LEU B 15 -6.87 -10.83 1.12
CA LEU B 15 -7.23 -12.13 0.58
C LEU B 15 -8.38 -12.03 -0.39
N LEU B 16 -9.47 -11.39 0.08
CA LEU B 16 -10.75 -11.30 -0.63
C LEU B 16 -10.50 -10.71 -1.98
N ASN B 17 -9.72 -9.62 -1.95
CA ASN B 17 -9.42 -8.90 -3.15
C ASN B 17 -8.44 -9.66 -4.07
N ALA B 18 -7.59 -10.53 -3.52
CA ALA B 18 -6.73 -11.35 -4.35
C ALA B 18 -7.44 -12.56 -4.90
N ALA B 19 -8.52 -13.00 -4.25
CA ALA B 19 -9.14 -14.24 -4.69
C ALA B 19 -9.91 -14.00 -6.00
N SER B 20 -9.93 -12.73 -6.40
CA SER B 20 -10.69 -12.24 -7.55
C SER B 20 -9.87 -11.43 -8.57
N ILE B 26 -3.93 -22.78 -1.99
CA ILE B 26 -3.12 -22.72 -0.75
C ILE B 26 -3.46 -21.47 0.09
N LEU B 27 -4.00 -20.43 -0.56
CA LEU B 27 -4.62 -19.30 0.17
C LEU B 27 -6.14 -19.37 0.20
N CYS B 28 -6.68 -20.43 -0.40
CA CYS B 28 -8.07 -20.79 -0.20
C CYS B 28 -8.38 -21.13 1.30
N PRO B 29 -7.65 -22.11 1.93
CA PRO B 29 -7.97 -22.47 3.35
C PRO B 29 -7.97 -21.32 4.37
N LEU B 30 -7.15 -20.29 4.14
CA LEU B 30 -7.21 -19.05 4.96
C LEU B 30 -8.49 -18.22 4.75
N LEU B 31 -8.82 -17.94 3.50
CA LEU B 31 -10.00 -17.14 3.19
C LEU B 31 -11.23 -17.89 3.63
N GLU B 32 -11.20 -19.22 3.46
CA GLU B 32 -12.34 -20.06 3.80
C GLU B 32 -12.65 -19.96 5.29
N SER B 33 -11.63 -20.03 6.14
CA SER B 33 -11.80 -19.85 7.60
C SER B 33 -12.50 -18.56 7.89
N PHE B 34 -12.04 -17.49 7.28
CA PHE B 34 -12.70 -16.20 7.43
C PHE B 34 -14.15 -16.18 6.96
N ILE B 35 -14.42 -16.83 5.83
CA ILE B 35 -15.80 -16.91 5.25
C ILE B 35 -16.84 -17.63 6.16
N THR B 36 -16.35 -18.50 7.05
CA THR B 36 -17.19 -19.21 8.02
C THR B 36 -17.53 -18.41 9.32
N PHE B 37 -16.54 -18.17 10.18
CA PHE B 37 -16.81 -17.88 11.61
C PHE B 37 -17.50 -16.53 11.97
N SER B 38 -17.11 -15.91 13.09
CA SER B 38 -17.51 -14.51 13.44
C SER B 38 -16.46 -13.53 14.06
N GLU B 48 -6.36 -13.02 21.70
CA GLU B 48 -4.95 -13.31 21.93
C GLU B 48 -4.66 -14.78 21.59
N THR B 49 -5.52 -15.65 22.07
CA THR B 49 -5.52 -17.05 21.68
C THR B 49 -5.94 -17.19 20.20
N GLU B 50 -6.91 -16.37 19.76
CA GLU B 50 -7.37 -16.42 18.37
C GLU B 50 -6.33 -15.81 17.42
N LEU B 51 -5.60 -14.84 17.93
CA LEU B 51 -4.62 -14.19 17.12
C LEU B 51 -3.37 -15.06 16.89
N LYS B 52 -2.91 -15.76 17.94
CA LYS B 52 -1.75 -16.65 17.76
C LYS B 52 -2.11 -17.72 16.76
N LYS B 53 -3.39 -18.09 16.76
CA LYS B 53 -3.94 -19.15 15.90
C LYS B 53 -3.94 -18.76 14.41
N ILE B 54 -4.40 -17.54 14.11
CA ILE B 54 -4.42 -16.94 12.78
C ILE B 54 -3.00 -16.72 12.27
N THR B 55 -2.14 -16.28 13.18
CA THR B 55 -0.74 -16.11 12.86
C THR B 55 -0.16 -17.51 12.51
N ASP B 56 -0.45 -18.55 13.31
CA ASP B 56 0.06 -19.88 12.94
C ASP B 56 -0.44 -20.34 11.54
N LYS B 57 -1.70 -20.10 11.21
CA LYS B 57 -2.28 -20.57 9.94
C LYS B 57 -1.71 -19.80 8.74
N THR B 58 -1.45 -18.52 8.95
CA THR B 58 -0.90 -17.66 7.94
C THR B 58 0.56 -17.98 7.73
N ILE B 59 1.30 -18.25 8.81
CA ILE B 59 2.71 -18.68 8.69
C ILE B 59 2.81 -20.01 7.90
N LYS B 60 1.97 -20.96 8.25
CA LYS B 60 1.86 -22.19 7.51
C LYS B 60 1.65 -21.96 5.99
N ALA B 61 0.71 -21.09 5.62
CA ALA B 61 0.47 -20.81 4.22
C ALA B 61 1.70 -20.16 3.60
N PHE B 62 2.33 -19.28 4.37
CA PHE B 62 3.55 -18.55 3.93
C PHE B 62 4.65 -19.55 3.66
N MET B 63 4.85 -20.49 4.61
CA MET B 63 5.86 -21.54 4.44
C MET B 63 5.49 -22.53 3.36
N ASP B 64 4.21 -22.86 3.21
CA ASP B 64 3.80 -23.75 2.11
C ASP B 64 3.92 -23.09 0.76
N SER B 65 3.90 -21.78 0.67
CA SER B 65 3.82 -21.27 -0.69
C SER B 65 5.13 -21.11 -1.46
N THR B 66 5.04 -21.07 -2.78
CA THR B 66 6.11 -20.51 -3.61
C THR B 66 5.80 -19.01 -3.83
N ILE B 67 6.70 -18.09 -3.47
CA ILE B 67 6.35 -16.65 -3.65
C ILE B 67 7.18 -16.05 -4.75
N GLY B 68 6.53 -15.70 -5.86
CA GLY B 68 7.19 -15.02 -6.92
C GLY B 68 7.45 -13.53 -6.70
N ASN B 69 8.08 -12.91 -7.68
CA ASN B 69 8.29 -11.46 -7.74
C ASN B 69 6.92 -10.76 -7.51
N SER B 70 6.93 -9.64 -6.79
CA SER B 70 5.66 -8.92 -6.52
C SER B 70 4.88 -8.45 -7.77
N LYS B 71 5.56 -8.04 -8.84
CA LYS B 71 4.83 -7.57 -10.02
C LYS B 71 4.03 -8.71 -10.61
N VAL B 72 4.48 -9.93 -10.40
CA VAL B 72 3.84 -11.12 -10.98
C VAL B 72 2.94 -11.96 -10.00
N ASP B 73 3.16 -11.85 -8.68
CA ASP B 73 2.54 -12.73 -7.65
C ASP B 73 1.96 -11.88 -6.53
N MET B 74 0.65 -11.90 -6.39
CA MET B 74 -0.06 -11.07 -5.42
C MET B 74 0.26 -11.51 -3.95
N LYS B 75 0.68 -12.76 -3.79
CA LYS B 75 1.06 -13.29 -2.45
C LYS B 75 2.19 -12.52 -1.82
N TYR B 76 3.13 -12.05 -2.63
CA TYR B 76 4.23 -11.32 -2.07
C TYR B 76 3.73 -10.11 -1.16
N ASP B 77 2.95 -9.18 -1.72
CA ASP B 77 2.48 -8.00 -0.94
C ASP B 77 1.48 -8.36 0.17
N ILE B 78 0.64 -9.36 -0.10
CA ILE B 78 -0.25 -9.91 0.96
C ILE B 78 0.54 -10.31 2.25
N PHE B 79 1.52 -11.18 2.09
CA PHE B 79 2.35 -11.63 3.23
C PHE B 79 3.20 -10.49 3.77
N ALA B 80 3.77 -9.68 2.88
CA ALA B 80 4.54 -8.46 3.32
C ALA B 80 3.74 -7.58 4.24
N LYS B 81 2.51 -7.25 3.88
CA LYS B 81 1.74 -6.40 4.79
C LYS B 81 1.39 -7.16 6.09
N PHE B 82 1.01 -8.41 6.01
CA PHE B 82 0.63 -9.10 7.26
C PHE B 82 1.80 -9.13 8.23
N ILE B 83 2.98 -9.52 7.71
CA ILE B 83 4.18 -9.58 8.52
C ILE B 83 4.56 -8.19 9.11
N HIS B 84 4.46 -7.18 8.27
CA HIS B 84 4.67 -5.83 8.77
C HIS B 84 3.75 -5.48 9.94
N HIS B 85 2.44 -5.75 9.80
CA HIS B 85 1.50 -5.38 10.86
C HIS B 85 1.78 -6.16 12.13
N ILE B 86 2.14 -7.44 11.97
CA ILE B 86 2.45 -8.29 13.13
C ILE B 86 3.66 -7.72 13.85
N HIS B 87 4.68 -7.35 13.10
CA HIS B 87 5.86 -6.85 13.76
C HIS B 87 5.49 -5.60 14.58
N HIS B 88 4.80 -4.64 13.96
CA HIS B 88 4.45 -3.40 14.63
C HIS B 88 3.57 -3.57 15.87
N PHE B 89 2.92 -4.72 15.98
CA PHE B 89 2.08 -4.99 17.11
C PHE B 89 2.94 -5.35 18.32
N GLU B 90 4.18 -5.79 18.04
CA GLU B 90 5.24 -5.87 19.06
C GLU B 90 4.84 -6.79 20.23
N LYS B 91 4.30 -7.97 19.95
CA LYS B 91 3.99 -8.94 20.97
C LYS B 91 5.11 -9.99 20.97
N LYS B 92 5.71 -10.21 22.14
CA LYS B 92 6.94 -11.01 22.26
C LYS B 92 6.73 -12.39 21.64
N GLU B 93 5.61 -13.02 21.94
CA GLU B 93 5.36 -14.35 21.44
C GLU B 93 5.13 -14.43 19.93
N LEU B 94 4.74 -13.33 19.28
CA LEU B 94 4.56 -13.34 17.82
C LEU B 94 5.90 -13.08 17.16
N GLN B 95 6.73 -12.28 17.81
CA GLN B 95 8.05 -12.02 17.24
C GLN B 95 8.79 -13.35 17.19
N GLU B 96 8.73 -14.13 18.27
CA GLU B 96 9.47 -15.40 18.32
C GLU B 96 9.03 -16.34 17.24
N LYS B 97 7.75 -16.33 16.84
CA LYS B 97 7.33 -17.21 15.75
C LYS B 97 8.08 -16.83 14.47
N PHE B 98 8.18 -15.55 14.17
CA PHE B 98 8.82 -15.18 12.93
C PHE B 98 10.32 -15.38 12.99
N LEU B 99 10.94 -15.20 14.13
CA LEU B 99 12.39 -15.50 14.25
C LEU B 99 12.68 -17.00 14.03
N ASN B 100 11.78 -17.88 14.48
CA ASN B 100 11.89 -19.32 14.23
C ASN B 100 11.79 -19.56 12.73
N GLN B 101 10.85 -18.87 12.05
CA GLN B 101 10.68 -19.08 10.61
C GLN B 101 11.96 -18.65 9.86
N ILE B 102 12.59 -17.57 10.33
CA ILE B 102 13.84 -17.06 9.71
C ILE B 102 14.97 -18.06 9.91
N ALA B 103 15.13 -18.53 11.14
CA ALA B 103 16.06 -19.61 11.38
C ALA B 103 15.79 -20.82 10.44
N THR B 104 14.53 -21.21 10.26
CA THR B 104 14.21 -22.39 9.46
C THR B 104 14.50 -22.18 7.99
N LEU B 105 14.10 -21.03 7.45
CA LEU B 105 14.49 -20.70 6.07
C LEU B 105 16.00 -20.72 5.80
N LYS B 106 16.76 -20.26 6.74
CA LYS B 106 18.19 -20.23 6.58
C LYS B 106 18.77 -21.64 6.48
N ILE B 107 18.30 -22.52 7.36
CA ILE B 107 18.74 -23.90 7.35
C ILE B 107 18.43 -24.57 5.98
N HIS B 108 17.23 -24.36 5.45
CA HIS B 108 16.79 -25.02 4.21
C HIS B 108 17.47 -24.39 2.97
N LEU B 109 17.75 -23.08 3.06
CA LEU B 109 18.47 -22.35 1.99
C LEU B 109 19.93 -22.90 1.94
N LYS B 110 20.57 -23.05 3.10
CA LYS B 110 21.94 -23.60 3.16
C LYS B 110 21.97 -25.00 2.51
N LYS B 111 20.97 -25.80 2.84
CA LYS B 111 20.87 -27.16 2.30
C LYS B 111 20.64 -27.10 0.80
N PHE B 112 19.72 -26.25 0.36
CA PHE B 112 19.49 -26.05 -1.08
C PHE B 112 20.74 -25.74 -1.94
N LEU B 113 21.53 -24.78 -1.47
CA LEU B 113 22.71 -24.29 -2.12
C LEU B 113 23.81 -25.40 -2.14
N GLN B 114 23.97 -26.10 -1.03
CA GLN B 114 24.89 -27.24 -0.99
C GLN B 114 24.51 -28.36 -1.93
N GLU B 115 23.23 -28.64 -2.06
CA GLU B 115 22.82 -29.87 -2.74
C GLU B 115 22.45 -29.59 -4.18
N LYS B 116 21.60 -28.62 -4.44
CA LYS B 116 21.07 -28.41 -5.79
C LYS B 116 21.92 -27.48 -6.64
N MET B 117 22.59 -26.53 -5.99
CA MET B 117 23.48 -25.57 -6.72
C MET B 117 25.01 -25.80 -6.52
N ASP B 118 25.39 -26.95 -5.99
CA ASP B 118 26.79 -27.40 -5.89
C ASP B 118 27.37 -27.31 -7.32
N PRO B 119 28.50 -26.55 -7.51
CA PRO B 119 29.13 -26.53 -8.85
C PRO B 119 29.61 -27.92 -9.30
N ASN B 120 29.75 -28.89 -8.41
CA ASN B 120 30.17 -30.21 -8.86
C ASN B 120 29.06 -31.03 -9.51
N ASN B 121 27.86 -30.47 -9.46
CA ASN B 121 26.64 -31.19 -9.75
C ASN B 121 26.43 -31.25 -11.26
N SER B 122 25.91 -32.35 -11.77
CA SER B 122 25.79 -32.50 -13.22
C SER B 122 24.57 -31.75 -13.73
N ARG B 123 23.53 -31.64 -12.88
CA ARG B 123 22.36 -30.85 -13.29
C ARG B 123 22.64 -29.43 -13.86
N ASP B 124 21.81 -29.15 -14.84
CA ASP B 124 21.98 -28.14 -15.83
C ASP B 124 20.79 -27.16 -15.84
N ASP B 125 19.80 -27.43 -15.00
CA ASP B 125 18.50 -26.71 -15.13
C ASP B 125 18.50 -25.43 -14.31
N TYR B 126 19.44 -24.55 -14.62
CA TYR B 126 19.62 -23.33 -13.79
C TYR B 126 18.45 -22.42 -13.75
N LYS B 127 17.66 -22.36 -14.81
CA LYS B 127 16.46 -21.53 -14.77
C LYS B 127 15.49 -22.09 -13.70
N ASP B 128 15.19 -23.38 -13.69
CA ASP B 128 14.25 -23.86 -12.69
C ASP B 128 14.83 -23.73 -11.27
N LEU B 129 16.14 -23.95 -11.12
CA LEU B 129 16.79 -23.89 -9.80
C LEU B 129 16.77 -22.46 -9.22
N THR B 130 16.97 -21.46 -10.08
CA THR B 130 17.04 -20.06 -9.66
C THR B 130 15.62 -19.62 -9.22
N CYS B 131 14.62 -20.04 -9.97
CA CYS B 131 13.21 -19.82 -9.59
C CYS B 131 12.91 -20.38 -8.20
N SER B 132 13.34 -21.64 -7.94
CA SER B 132 13.11 -22.30 -6.63
C SER B 132 13.85 -21.55 -5.59
N LEU B 133 15.09 -21.21 -5.89
CA LEU B 133 15.88 -20.47 -4.93
C LEU B 133 15.10 -19.23 -4.40
N TYR B 134 14.57 -18.44 -5.34
CA TYR B 134 13.82 -17.20 -4.97
C TYR B 134 12.45 -17.50 -4.44
N GLU B 135 11.74 -18.41 -5.08
CA GLU B 135 10.36 -18.65 -4.68
C GLU B 135 10.18 -19.31 -3.30
N LEU B 136 11.18 -20.12 -2.90
CA LEU B 136 11.09 -20.87 -1.67
C LEU B 136 11.84 -20.19 -0.56
N TYR B 137 13.00 -19.60 -0.85
CA TYR B 137 13.89 -19.07 0.17
C TYR B 137 14.09 -17.54 0.07
N ILE B 138 14.66 -17.06 -1.03
CA ILE B 138 15.15 -15.67 -1.04
C ILE B 138 14.01 -14.66 -0.92
N ASN B 139 12.93 -14.81 -1.67
CA ASN B 139 11.84 -13.84 -1.51
C ASN B 139 11.29 -13.78 -0.07
N LYS B 140 11.20 -14.93 0.58
CA LYS B 140 10.60 -14.96 1.90
C LYS B 140 11.55 -14.34 2.92
N LEU B 141 12.86 -14.62 2.85
CA LEU B 141 13.79 -13.99 3.80
C LEU B 141 13.89 -12.47 3.56
N THR B 142 13.75 -12.05 2.31
CA THR B 142 13.78 -10.61 1.98
C THR B 142 12.55 -9.89 2.63
N ILE B 143 11.35 -10.47 2.48
CA ILE B 143 10.08 -10.01 3.14
C ILE B 143 10.32 -9.91 4.63
N LEU B 144 10.83 -10.96 5.27
CA LEU B 144 11.05 -10.96 6.71
C LEU B 144 12.07 -9.96 7.14
N GLY B 145 13.13 -9.82 6.34
CA GLY B 145 14.24 -8.93 6.66
C GLY B 145 13.88 -7.44 6.61
N ARG B 146 12.73 -7.07 6.08
CA ARG B 146 12.35 -5.67 6.12
C ARG B 146 12.15 -5.25 7.62
N ASP B 147 11.53 -6.11 8.41
CA ASP B 147 11.22 -5.81 9.82
C ASP B 147 12.07 -6.55 10.85
N TYR B 148 12.52 -7.75 10.51
CA TYR B 148 13.27 -8.54 11.47
C TYR B 148 14.75 -8.58 11.08
N PRO B 149 15.67 -8.49 12.06
CA PRO B 149 17.12 -8.61 11.82
C PRO B 149 17.40 -9.91 11.09
N ILE B 150 17.98 -9.85 9.91
CA ILE B 150 18.42 -11.12 9.33
C ILE B 150 19.94 -11.08 9.36
N GLU B 151 20.48 -12.18 9.84
CA GLU B 151 21.91 -12.32 9.90
C GLU B 151 22.26 -13.71 9.43
N VAL B 152 23.41 -13.87 8.82
CA VAL B 152 23.68 -15.16 8.19
C VAL B 152 25.12 -15.48 8.60
N ASP B 153 25.45 -16.74 8.81
CA ASP B 153 26.86 -17.04 9.15
C ASP B 153 27.73 -17.17 7.90
N GLU B 154 29.03 -17.20 8.13
CA GLU B 154 30.01 -17.22 7.06
C GLU B 154 29.74 -18.31 6.04
N GLU B 155 29.42 -19.50 6.54
CA GLU B 155 29.19 -20.66 5.67
C GLU B 155 28.07 -20.40 4.68
N LEU B 156 26.96 -19.84 5.19
CA LEU B 156 25.80 -19.65 4.38
C LEU B 156 26.08 -18.50 3.42
N LEU B 157 26.74 -17.46 3.90
CA LEU B 157 26.98 -16.30 3.05
C LEU B 157 27.87 -16.70 1.87
N GLN B 158 28.99 -17.40 2.19
CA GLN B 158 29.89 -17.95 1.17
C GLN B 158 29.16 -18.90 0.21
N LEU B 159 28.23 -19.74 0.73
CA LEU B 159 27.48 -20.66 -0.21
C LEU B 159 26.66 -19.85 -1.22
N PHE B 160 26.00 -18.84 -0.69
CA PHE B 160 25.18 -18.03 -1.54
C PHE B 160 26.03 -17.26 -2.57
N LEU B 161 27.11 -16.67 -2.09
CA LEU B 161 27.97 -15.91 -2.98
C LEU B 161 28.71 -16.82 -3.95
N ASN B 162 29.35 -17.89 -3.45
CA ASN B 162 29.98 -18.84 -4.39
C ASN B 162 29.03 -19.63 -5.26
N ASN B 163 27.94 -20.16 -4.67
CA ASN B 163 27.21 -21.18 -5.40
C ASN B 163 26.15 -20.61 -6.31
N PHE B 164 25.64 -19.41 -5.98
CA PHE B 164 24.65 -18.75 -6.83
C PHE B 164 25.20 -17.43 -7.45
N VAL B 165 25.52 -16.45 -6.62
CA VAL B 165 25.90 -15.13 -7.15
C VAL B 165 27.02 -15.11 -8.19
N SER B 166 28.21 -15.62 -7.83
CA SER B 166 29.33 -15.62 -8.73
C SER B 166 29.06 -16.48 -9.96
N ARG B 167 28.00 -17.29 -9.95
CA ARG B 167 27.71 -18.15 -11.08
C ARG B 167 26.62 -17.63 -12.04
N ILE B 168 26.05 -16.45 -11.76
CA ILE B 168 25.00 -15.97 -12.61
C ILE B 168 25.50 -15.82 -14.05
N PRO B 169 26.72 -15.33 -14.25
CA PRO B 169 27.08 -15.12 -15.64
C PRO B 169 27.10 -16.39 -16.49
N ILE B 170 27.48 -17.53 -15.91
CA ILE B 170 27.40 -18.80 -16.64
C ILE B 170 25.98 -19.42 -16.63
N MET B 171 25.19 -19.20 -15.57
CA MET B 171 23.80 -19.69 -15.60
C MET B 171 22.94 -18.89 -16.63
N PHE B 172 23.41 -17.66 -16.92
CA PHE B 172 22.59 -16.67 -17.60
C PHE B 172 22.02 -17.18 -18.94
N GLN B 173 22.80 -17.96 -19.68
CA GLN B 173 22.33 -18.53 -20.95
C GLN B 173 21.11 -19.40 -20.83
N ASP B 174 20.86 -20.03 -19.68
CA ASP B 174 19.67 -20.87 -19.55
C ASP B 174 18.41 -20.09 -19.19
N PHE B 175 18.52 -18.79 -18.90
CA PHE B 175 17.38 -18.06 -18.29
C PHE B 175 16.39 -17.58 -19.35
N ASP B 176 15.11 -17.52 -18.98
CA ASP B 176 14.12 -16.75 -19.76
C ASP B 176 13.91 -15.39 -19.02
N ASP B 177 13.15 -14.47 -19.61
CA ASP B 177 12.82 -13.17 -18.99
C ASP B 177 12.16 -13.25 -17.58
N SER B 178 11.18 -14.12 -17.38
CA SER B 178 10.52 -14.19 -16.10
C SER B 178 11.46 -14.68 -14.99
N THR B 179 12.43 -15.52 -15.35
CA THR B 179 13.47 -15.91 -14.41
C THR B 179 14.44 -14.77 -14.12
N ALA B 180 14.82 -14.04 -15.15
CA ALA B 180 15.72 -12.91 -14.92
C ALA B 180 15.05 -11.96 -13.99
N GLN B 181 13.76 -11.73 -14.21
CA GLN B 181 13.02 -10.70 -13.51
C GLN B 181 12.94 -11.01 -12.01
N GLU B 182 13.00 -12.31 -11.71
CA GLU B 182 12.95 -12.78 -10.33
C GLU B 182 14.24 -12.48 -9.53
N ILE B 183 15.38 -12.37 -10.20
CA ILE B 183 16.64 -12.15 -9.48
C ILE B 183 16.70 -10.73 -8.97
N ASN B 184 17.03 -10.57 -7.70
CA ASN B 184 17.46 -9.29 -7.10
C ASN B 184 18.44 -9.58 -5.94
N PHE B 185 19.06 -8.52 -5.41
CA PHE B 185 20.08 -8.63 -4.36
C PHE B 185 19.72 -7.84 -3.15
N LYS B 186 18.44 -7.57 -3.02
CA LYS B 186 17.90 -6.95 -1.81
C LYS B 186 18.30 -7.62 -0.50
N MET B 187 18.29 -8.96 -0.48
CA MET B 187 18.58 -9.65 0.78
C MET B 187 19.99 -9.29 1.15
N LEU B 188 20.87 -9.09 0.15
CA LEU B 188 22.24 -8.74 0.45
C LEU B 188 22.34 -7.33 1.06
N VAL B 189 21.57 -6.39 0.53
CA VAL B 189 21.60 -5.05 1.05
C VAL B 189 21.10 -5.12 2.52
N LEU B 190 20.03 -5.88 2.75
CA LEU B 190 19.41 -6.01 4.07
C LEU B 190 20.36 -6.68 5.03
N LEU B 191 21.06 -7.74 4.57
CA LEU B 191 22.11 -8.36 5.43
C LEU B 191 23.11 -7.28 5.84
N ALA B 192 23.60 -6.49 4.89
CA ALA B 192 24.61 -5.49 5.21
C ALA B 192 24.06 -4.40 6.11
N THR B 193 22.84 -3.89 5.83
CA THR B 193 22.30 -2.84 6.69
C THR B 193 21.95 -3.28 8.13
N TRP B 194 21.43 -4.49 8.31
CA TRP B 194 21.26 -5.00 9.68
C TRP B 194 22.60 -5.14 10.41
N ASN B 195 23.64 -5.53 9.66
CA ASN B 195 24.95 -5.58 10.25
C ASN B 195 25.47 -4.19 10.71
N LEU B 196 25.25 -3.17 9.90
CA LEU B 196 25.62 -1.81 10.32
C LEU B 196 24.77 -1.33 11.50
N GLU B 197 23.48 -1.67 11.52
CA GLU B 197 22.63 -1.24 12.61
C GLU B 197 23.20 -1.80 13.92
N LYS B 198 23.67 -3.04 13.86
CA LYS B 198 24.20 -3.70 15.05
C LYS B 198 25.46 -3.01 15.57
N TRP B 199 26.38 -2.63 14.68
CA TRP B 199 27.54 -1.85 15.13
C TRP B 199 27.15 -0.47 15.68
N ARG B 200 26.22 0.19 15.01
CA ARG B 200 25.82 1.53 15.36
C ARG B 200 25.26 1.58 16.80
N GLU B 201 24.46 0.57 17.14
CA GLU B 201 23.92 0.40 18.47
C GLU B 201 24.97 0.21 19.57
N ILE B 202 25.90 -0.69 19.33
CA ILE B 202 27.01 -0.91 20.22
C ILE B 202 27.82 0.37 20.39
N ILE B 203 28.23 0.99 19.28
CA ILE B 203 28.95 2.25 19.37
C ILE B 203 28.19 3.29 20.24
N GLU B 204 26.86 3.33 20.04
CA GLU B 204 25.99 4.27 20.72
C GLU B 204 25.81 4.01 22.25
N LYS B 205 25.64 2.74 22.65
CA LYS B 205 25.36 2.38 24.05
C LYS B 205 26.62 2.21 24.87
N VAL B 206 27.67 1.72 24.24
CA VAL B 206 28.89 1.36 24.96
C VAL B 206 29.96 2.43 24.91
N ARG B 207 30.38 2.84 23.71
CA ARG B 207 31.41 3.89 23.54
C ARG B 207 32.89 3.42 23.82
N ASP B 208 33.85 4.35 23.83
CA ASP B 208 35.30 4.07 23.64
C ASP B 208 36.09 5.27 23.05
N LEU B 217 38.78 -5.37 16.55
CA LEU B 217 38.08 -4.89 15.31
C LEU B 217 38.59 -5.46 13.99
N ARG B 218 39.44 -6.48 14.11
CA ARG B 218 40.33 -6.97 13.05
C ARG B 218 39.58 -7.61 11.84
N SER B 219 38.39 -8.16 12.08
CA SER B 219 37.61 -8.65 10.93
C SER B 219 36.08 -8.44 11.02
N VAL B 220 35.69 -7.34 11.68
CA VAL B 220 34.30 -6.91 11.75
C VAL B 220 33.62 -6.63 10.38
N TRP B 221 34.39 -6.20 9.40
CA TRP B 221 33.89 -5.89 8.05
C TRP B 221 33.83 -7.07 7.04
N LYS B 222 34.32 -8.24 7.44
CA LYS B 222 34.49 -9.38 6.56
C LYS B 222 33.24 -9.68 5.69
N PRO B 223 32.06 -9.86 6.32
CA PRO B 223 30.87 -10.16 5.45
C PRO B 223 30.46 -9.00 4.53
N ILE B 224 30.39 -7.76 5.06
CA ILE B 224 30.10 -6.62 4.18
C ILE B 224 31.11 -6.51 3.02
N ALA B 225 32.37 -6.66 3.34
CA ALA B 225 33.42 -6.68 2.29
C ALA B 225 33.23 -7.80 1.30
N ALA B 226 32.84 -8.98 1.79
CA ALA B 226 32.59 -10.10 0.84
C ALA B 226 31.47 -9.76 -0.13
N ILE B 227 30.39 -9.17 0.39
CA ILE B 227 29.27 -8.85 -0.45
C ILE B 227 29.67 -7.78 -1.50
N ILE B 228 30.35 -6.76 -1.08
CA ILE B 228 30.63 -5.64 -1.98
C ILE B 228 31.60 -6.15 -3.02
N GLY B 229 32.58 -6.93 -2.51
CA GLY B 229 33.53 -7.66 -3.35
C GLY B 229 32.84 -8.42 -4.47
N ARG B 230 31.92 -9.25 -4.10
CA ARG B 230 31.23 -10.04 -5.08
C ARG B 230 30.33 -9.28 -6.05
N LEU B 231 29.68 -8.24 -5.55
CA LEU B 231 28.81 -7.46 -6.42
C LEU B 231 29.65 -6.70 -7.42
N ASN B 232 30.81 -6.15 -7.04
CA ASN B 232 31.68 -5.54 -8.08
C ASN B 232 32.06 -6.57 -9.17
N THR B 233 32.43 -7.80 -8.76
CA THR B 233 32.87 -8.77 -9.80
C THR B 233 31.76 -9.20 -10.72
N LEU B 234 30.56 -9.34 -10.16
CA LEU B 234 29.41 -9.74 -10.92
C LEU B 234 29.07 -8.65 -11.93
N VAL B 235 29.03 -7.43 -11.48
CA VAL B 235 28.67 -6.33 -12.43
C VAL B 235 29.67 -6.36 -13.60
N ILE B 236 30.96 -6.47 -13.31
CA ILE B 236 32.01 -6.51 -14.33
C ILE B 236 31.81 -7.73 -15.21
N SER B 237 31.51 -8.89 -14.60
CA SER B 237 31.35 -10.08 -15.44
C SER B 237 30.14 -10.01 -16.32
N LEU B 238 29.07 -9.40 -15.81
CA LEU B 238 27.90 -9.30 -16.65
C LEU B 238 28.18 -8.42 -17.89
N ALA B 239 28.93 -7.34 -17.68
CA ALA B 239 29.33 -6.42 -18.78
C ALA B 239 30.13 -7.10 -19.88
N ALA B 240 30.82 -8.19 -19.52
CA ALA B 240 31.60 -8.96 -20.48
C ALA B 240 30.74 -10.04 -21.11
N THR B 241 29.47 -10.12 -20.78
CA THR B 241 28.64 -11.16 -21.38
C THR B 241 28.12 -10.67 -22.72
N ASN B 242 28.21 -11.53 -23.75
CA ASN B 242 27.86 -11.11 -25.10
C ASN B 242 26.36 -10.90 -25.22
N GLU B 243 25.96 -9.69 -25.66
CA GLU B 243 24.54 -9.33 -25.87
C GLU B 243 23.95 -9.90 -27.18
N THR B 244 22.70 -10.33 -27.13
CA THR B 244 21.98 -10.76 -28.33
C THR B 244 20.65 -10.04 -28.35
N PHE B 245 19.99 -10.08 -29.51
CA PHE B 245 18.64 -9.54 -29.60
C PHE B 245 17.72 -10.19 -28.57
N GLU B 246 17.92 -11.47 -28.32
CA GLU B 246 17.06 -12.19 -27.39
C GLU B 246 17.27 -11.84 -25.91
N ASN B 247 18.54 -11.81 -25.46
CA ASN B 247 18.90 -11.68 -24.04
C ASN B 247 19.13 -10.24 -23.57
N ILE B 248 19.00 -9.27 -24.47
CA ILE B 248 19.43 -7.91 -24.09
C ILE B 248 18.56 -7.27 -23.00
N ASN B 249 17.24 -7.43 -23.05
CA ASN B 249 16.42 -6.85 -21.98
C ASN B 249 16.77 -7.41 -20.57
N SER B 250 16.88 -8.74 -20.52
CA SER B 250 17.10 -9.45 -19.28
C SER B 250 18.51 -9.14 -18.84
N LEU B 251 19.43 -9.00 -19.77
CA LEU B 251 20.82 -8.71 -19.37
C LEU B 251 20.91 -7.32 -18.71
N PHE B 252 20.32 -6.32 -19.35
CA PHE B 252 20.36 -4.99 -18.77
C PHE B 252 19.67 -5.00 -17.43
N TYR B 253 18.59 -5.76 -17.31
CA TYR B 253 17.91 -5.85 -16.02
C TYR B 253 18.86 -6.39 -14.94
N LEU B 254 19.56 -7.51 -15.18
CA LEU B 254 20.47 -8.09 -14.16
C LEU B 254 21.56 -7.13 -13.77
N LYS B 255 22.20 -6.55 -14.78
CA LYS B 255 23.18 -5.49 -14.53
C LYS B 255 22.59 -4.32 -13.68
N TRP B 256 21.41 -3.81 -14.08
CA TRP B 256 20.77 -2.74 -13.26
C TRP B 256 20.52 -3.23 -11.81
N SER B 257 20.07 -4.47 -11.72
CA SER B 257 19.74 -4.97 -10.40
C SER B 257 21.02 -5.07 -9.54
N ALA B 258 22.10 -5.66 -10.05
CA ALA B 258 23.32 -5.71 -9.28
C ALA B 258 23.87 -4.29 -8.94
N CYS B 259 23.81 -3.37 -9.93
CA CYS B 259 24.32 -1.99 -9.72
C CYS B 259 23.56 -1.26 -8.60
N THR B 260 22.25 -1.37 -8.57
CA THR B 260 21.45 -0.67 -7.55
C THR B 260 21.69 -1.22 -6.12
N SER B 261 21.78 -2.54 -6.00
CA SER B 261 22.11 -3.15 -4.72
C SER B 261 23.50 -2.76 -4.30
N LEU B 262 24.41 -2.71 -5.23
CA LEU B 262 25.74 -2.30 -4.86
C LEU B 262 25.76 -0.83 -4.35
N MET B 263 25.13 0.08 -5.10
CA MET B 263 25.06 1.54 -4.72
C MET B 263 24.42 1.75 -3.36
N ASP B 264 23.34 1.03 -3.11
CA ASP B 264 22.68 1.06 -1.79
C ASP B 264 23.58 0.62 -0.63
N ILE B 265 24.28 -0.48 -0.80
CA ILE B 265 25.26 -0.90 0.23
C ILE B 265 26.34 0.17 0.42
N ILE B 266 26.99 0.61 -0.68
CA ILE B 266 28.02 1.66 -0.58
C ILE B 266 27.50 2.91 0.13
N VAL B 267 26.29 3.36 -0.17
CA VAL B 267 25.81 4.53 0.47
C VAL B 267 25.60 4.27 2.00
N ALA B 268 25.05 3.10 2.33
CA ALA B 268 24.80 2.75 3.71
C ALA B 268 26.11 2.76 4.49
N ILE B 269 27.15 2.10 3.96
CA ILE B 269 28.45 2.10 4.65
C ILE B 269 29.01 3.52 4.83
N LYS B 270 28.90 4.31 3.77
CA LYS B 270 29.45 5.69 3.81
C LYS B 270 28.75 6.55 4.86
N ILE B 271 27.46 6.32 5.02
CA ILE B 271 26.68 7.07 5.97
C ILE B 271 27.06 6.64 7.38
N PHE B 272 27.21 5.33 7.59
CA PHE B 272 27.74 4.82 8.86
C PHE B 272 29.08 5.49 9.17
N GLU B 273 29.99 5.50 8.20
CA GLU B 273 31.28 6.17 8.44
C GLU B 273 31.09 7.63 8.89
N LEU B 274 30.36 8.40 8.10
CA LEU B 274 30.15 9.81 8.40
C LEU B 274 29.54 9.98 9.78
N LYS B 275 28.78 9.01 10.26
CA LYS B 275 28.16 9.18 11.56
C LYS B 275 29.03 8.75 12.75
N LEU B 276 30.26 8.32 12.49
CA LEU B 276 31.16 7.96 13.59
C LEU B 276 31.53 9.19 14.47
N PRO B 277 31.58 8.99 15.79
CA PRO B 277 32.22 9.99 16.68
C PRO B 277 33.72 10.25 16.32
N ALA B 278 34.16 11.50 16.46
CA ALA B 278 35.51 11.90 16.06
C ALA B 278 36.61 11.26 16.92
N ASP B 279 36.28 10.80 18.11
CA ASP B 279 37.24 10.07 18.95
C ASP B 279 37.23 8.56 18.66
N ALA B 280 36.51 8.17 17.61
CA ALA B 280 36.33 6.76 17.28
C ALA B 280 37.40 6.36 16.25
N THR B 281 38.64 6.67 16.61
CA THR B 281 39.75 6.52 15.69
C THR B 281 39.95 5.07 15.26
N THR B 282 39.86 4.10 16.17
CA THR B 282 39.98 2.70 15.78
C THR B 282 38.89 2.29 14.77
N TRP B 283 37.67 2.80 14.94
CA TRP B 283 36.59 2.56 13.99
C TRP B 283 36.81 3.17 12.65
N ARG B 284 37.30 4.41 12.60
CA ARG B 284 37.54 5.09 11.32
C ARG B 284 38.67 4.40 10.56
N TYR B 285 39.67 3.99 11.33
CA TYR B 285 40.79 3.23 10.77
C TYR B 285 40.36 1.86 10.18
N SER B 286 39.60 1.08 10.92
CA SER B 286 39.20 -0.24 10.43
C SER B 286 38.46 -0.23 9.07
N MET B 287 37.80 0.88 8.73
CA MET B 287 37.04 0.98 7.45
C MET B 287 37.89 1.30 6.22
N SER B 288 38.77 2.30 6.36
CA SER B 288 39.85 2.56 5.39
C SER B 288 40.66 1.30 5.11
N GLU B 289 41.05 0.61 6.18
CA GLU B 289 41.82 -0.64 6.09
C GLU B 289 41.14 -1.95 5.59
N GLN B 290 39.82 -2.09 5.71
CA GLN B 290 39.17 -3.36 5.27
C GLN B 290 38.32 -3.16 4.01
N PHE B 291 38.26 -1.90 3.58
CA PHE B 291 37.64 -1.45 2.35
C PHE B 291 38.68 -0.67 1.52
N PRO B 292 39.56 -1.43 0.82
CA PRO B 292 40.47 -0.84 -0.19
C PRO B 292 39.70 0.15 -1.11
N PHE B 293 38.63 -0.36 -1.73
CA PHE B 293 37.80 0.39 -2.64
C PHE B 293 36.38 -0.07 -2.37
N TYR B 294 35.40 0.77 -2.69
CA TYR B 294 33.96 0.46 -2.63
C TYR B 294 33.43 0.12 -4.00
N LEU B 295 33.85 0.90 -4.98
CA LEU B 295 33.46 0.77 -6.37
C LEU B 295 34.72 0.57 -7.19
N HIS B 296 34.90 -0.59 -7.79
CA HIS B 296 36.01 -0.79 -8.71
C HIS B 296 35.83 0.09 -9.95
N ASP B 297 36.91 0.57 -10.52
CA ASP B 297 36.80 1.35 -11.75
C ASP B 297 36.05 0.64 -12.85
N ASN B 298 36.34 -0.64 -13.07
CA ASN B 298 35.63 -1.41 -14.11
C ASN B 298 34.13 -1.54 -13.84
N ALA B 299 33.76 -1.52 -12.57
CA ALA B 299 32.35 -1.60 -12.20
C ALA B 299 31.65 -0.20 -12.42
N SER B 300 32.37 0.87 -12.12
CA SER B 300 31.92 2.22 -12.37
C SER B 300 31.59 2.40 -13.89
N LYS B 301 32.39 1.85 -14.79
CA LYS B 301 32.00 1.83 -16.17
C LYS B 301 30.61 1.27 -16.42
N VAL B 302 30.21 0.26 -15.63
CA VAL B 302 28.96 -0.38 -15.87
C VAL B 302 27.84 0.51 -15.34
N LEU B 303 28.08 1.18 -14.21
CA LEU B 303 27.12 2.13 -13.64
C LEU B 303 26.73 3.16 -14.68
N LEU B 304 27.74 3.63 -15.41
CA LEU B 304 27.55 4.68 -16.42
C LEU B 304 26.81 4.05 -17.57
N LYS B 305 27.18 2.83 -17.99
CA LYS B 305 26.38 2.22 -19.05
C LYS B 305 24.90 2.09 -18.67
N ILE B 306 24.60 1.85 -17.41
CA ILE B 306 23.20 1.64 -17.03
C ILE B 306 22.46 2.96 -16.94
N PHE B 307 23.11 3.99 -16.45
CA PHE B 307 22.56 5.34 -16.51
C PHE B 307 22.22 5.60 -17.94
N LEU B 308 23.15 5.29 -18.84
CA LEU B 308 22.93 5.55 -20.26
C LEU B 308 21.77 4.79 -20.83
N TYR B 309 21.69 3.48 -20.54
CA TYR B 309 20.51 2.68 -20.89
C TYR B 309 19.17 3.28 -20.39
N LEU B 310 19.08 3.55 -19.09
CA LEU B 310 17.85 4.17 -18.56
C LEU B 310 17.56 5.55 -19.22
N GLU B 311 18.61 6.32 -19.50
CA GLU B 311 18.41 7.66 -20.10
C GLU B 311 17.78 7.51 -21.47
N SER B 312 18.25 6.52 -22.25
CA SER B 312 17.72 6.34 -23.59
C SER B 312 16.34 5.74 -23.63
N LEU B 313 15.99 4.92 -22.65
CA LEU B 313 14.59 4.41 -22.54
C LEU B 313 13.63 5.55 -22.17
N PHE B 314 14.04 6.38 -21.23
CA PHE B 314 13.26 7.54 -20.93
C PHE B 314 13.10 8.48 -22.18
N ALA B 315 14.18 8.74 -22.90
CA ALA B 315 14.14 9.61 -24.09
C ALA B 315 13.19 9.14 -25.19
N LYS B 316 13.18 7.84 -25.45
CA LYS B 316 12.25 7.23 -26.41
C LYS B 316 10.87 7.54 -25.90
N GLN B 317 10.62 7.20 -24.63
CA GLN B 317 9.33 7.46 -24.02
C GLN B 317 8.83 8.91 -24.28
N VAL B 318 9.73 9.90 -24.18
CA VAL B 318 9.31 11.29 -24.30
C VAL B 318 9.63 11.92 -25.65
N ASP B 319 10.17 11.13 -26.58
CA ASP B 319 10.48 11.53 -27.95
C ASP B 319 11.52 12.65 -28.12
N VAL B 320 12.49 12.72 -27.21
CA VAL B 320 13.64 13.61 -27.36
C VAL B 320 14.87 12.91 -27.92
N GLN B 321 15.63 13.62 -28.73
CA GLN B 321 16.91 13.11 -29.20
C GLN B 321 18.01 13.59 -28.31
N LEU B 322 18.72 12.64 -27.74
CA LEU B 322 19.81 12.95 -26.82
C LEU B 322 21.11 13.35 -27.49
N GLU B 323 21.85 14.20 -26.79
CA GLU B 323 23.21 14.50 -27.12
C GLU B 323 24.09 13.39 -26.51
N ARG B 324 25.18 13.06 -27.18
CA ARG B 324 26.04 11.96 -26.72
C ARG B 324 27.49 12.37 -26.75
N VAL B 325 28.34 11.69 -26.00
CA VAL B 325 29.78 11.85 -26.17
C VAL B 325 30.29 11.17 -27.48
N ALA B 326 31.16 11.90 -28.19
CA ALA B 326 31.82 11.48 -29.42
C ALA B 326 32.03 9.98 -29.67
N ASP B 327 32.43 9.23 -28.65
CA ASP B 327 32.64 7.79 -28.84
C ASP B 327 31.48 6.91 -28.40
N GLU B 328 30.35 7.50 -28.04
CA GLU B 328 29.28 6.74 -27.38
C GLU B 328 28.58 5.73 -28.29
N ASP B 329 28.28 4.56 -27.72
CA ASP B 329 27.52 3.51 -28.37
C ASP B 329 26.16 3.90 -29.05
N ALA B 330 26.17 4.09 -30.37
CA ALA B 330 24.96 4.35 -31.16
C ALA B 330 23.78 3.37 -30.95
N ASN B 331 24.06 2.12 -30.55
CA ASN B 331 23.03 1.12 -30.14
C ASN B 331 21.95 1.74 -29.23
N LEU B 332 22.39 2.54 -28.25
CA LEU B 332 21.51 3.27 -27.36
C LEU B 332 20.43 4.07 -28.08
N ASN B 333 20.61 4.35 -29.38
CA ASN B 333 19.59 5.05 -30.13
C ASN B 333 18.42 4.16 -30.56
N ASP B 334 18.59 2.86 -30.49
CA ASP B 334 17.61 1.96 -31.09
C ASP B 334 17.28 0.79 -30.17
N LEU B 335 16.90 1.13 -28.93
CA LEU B 335 16.67 0.14 -27.88
C LEU B 335 15.29 -0.52 -28.04
N PRO B 336 15.23 -1.86 -27.88
CA PRO B 336 13.92 -2.53 -27.81
C PRO B 336 13.07 -2.08 -26.60
N GLU B 337 11.73 -2.18 -26.67
CA GLU B 337 10.91 -1.88 -25.49
C GLU B 337 11.12 -2.95 -24.43
N THR B 338 10.96 -2.62 -23.14
CA THR B 338 11.12 -3.59 -22.08
C THR B 338 9.96 -3.70 -21.12
N GLY B 339 9.68 -4.91 -20.70
CA GLY B 339 8.73 -5.17 -19.63
C GLY B 339 9.37 -5.15 -18.24
N PHE B 340 10.69 -5.06 -18.16
CA PHE B 340 11.41 -5.07 -16.90
C PHE B 340 11.28 -3.81 -16.06
N PHE B 341 11.05 -2.70 -16.76
CA PHE B 341 10.89 -1.36 -16.16
C PHE B 341 9.58 -0.71 -16.66
N GLU B 342 8.46 -0.97 -16.00
CA GLU B 342 7.23 -0.36 -16.50
C GLU B 342 6.84 1.00 -15.88
N ASN B 343 7.66 1.53 -14.96
CA ASN B 343 7.74 3.00 -14.80
C ASN B 343 9.18 3.51 -14.99
N ILE B 344 9.54 3.65 -16.27
CA ILE B 344 10.88 4.06 -16.68
C ILE B 344 11.30 5.41 -16.08
N GLU B 345 10.38 6.39 -16.14
CA GLU B 345 10.65 7.71 -15.59
C GLU B 345 11.09 7.64 -14.15
N THR B 346 10.33 6.93 -13.33
CA THR B 346 10.68 6.84 -11.90
C THR B 346 12.01 6.12 -11.72
N GLU B 347 12.18 5.02 -12.47
CA GLU B 347 13.41 4.23 -12.36
C GLU B 347 14.64 5.09 -12.77
N PHE B 348 14.47 5.82 -13.87
CA PHE B 348 15.52 6.72 -14.31
C PHE B 348 15.81 7.78 -13.26
N LEU B 349 14.76 8.41 -12.76
CA LEU B 349 15.00 9.40 -11.72
C LEU B 349 15.65 8.80 -10.45
N LEU B 350 15.16 7.63 -10.02
CA LEU B 350 15.76 6.97 -8.85
C LEU B 350 17.23 6.62 -9.03
N PHE B 351 17.60 6.06 -10.18
CA PHE B 351 19.00 5.75 -10.45
C PHE B 351 19.82 7.03 -10.40
N THR B 352 19.27 8.12 -10.93
CA THR B 352 20.04 9.35 -10.89
C THR B 352 20.25 9.87 -9.49
N VAL B 353 19.19 9.83 -8.71
CA VAL B 353 19.30 10.21 -7.30
C VAL B 353 20.40 9.43 -6.61
N LYS B 354 20.46 8.12 -6.84
CA LYS B 354 21.56 7.33 -6.24
C LYS B 354 22.90 7.75 -6.78
N LEU B 355 23.01 7.99 -8.08
CA LEU B 355 24.28 8.52 -8.59
C LEU B 355 24.71 9.87 -7.96
N LYS B 356 23.76 10.77 -7.77
CA LYS B 356 24.08 12.06 -7.13
C LYS B 356 24.64 11.87 -5.72
N GLY B 357 24.01 10.98 -4.94
CA GLY B 357 24.55 10.48 -3.68
C GLY B 357 25.98 10.00 -3.77
N LEU B 358 26.32 9.09 -4.68
CA LEU B 358 27.72 8.65 -4.80
C LEU B 358 28.63 9.78 -5.24
N MET B 359 28.08 10.75 -5.99
CA MET B 359 28.89 11.92 -6.45
C MET B 359 29.25 12.75 -5.19
N LYS B 360 28.24 13.05 -4.39
CA LYS B 360 28.46 13.80 -3.16
C LYS B 360 29.35 13.10 -2.14
N LEU B 361 29.46 11.76 -2.19
CA LEU B 361 30.44 11.04 -1.35
C LEU B 361 31.82 10.92 -1.96
N ASN B 362 32.00 11.52 -3.14
CA ASN B 362 33.23 11.41 -3.93
C ASN B 362 33.63 10.01 -4.40
N ILE B 363 32.65 9.18 -4.70
CA ILE B 363 32.92 7.86 -5.24
C ILE B 363 33.00 7.88 -6.78
N LEU B 364 32.33 8.83 -7.43
CA LEU B 364 32.35 8.95 -8.90
C LEU B 364 33.12 10.20 -9.32
N ASP B 365 33.73 10.15 -10.49
CA ASP B 365 34.61 11.23 -10.94
C ASP B 365 33.91 12.34 -11.80
N GLU B 366 34.67 13.35 -12.23
CA GLU B 366 34.07 14.50 -12.93
C GLU B 366 33.51 14.10 -14.30
N ARG B 367 34.18 13.18 -15.01
CA ARG B 367 33.73 12.70 -16.32
C ARG B 367 32.33 12.12 -16.26
N PHE B 368 32.10 11.29 -15.22
CA PHE B 368 30.86 10.60 -14.98
C PHE B 368 29.82 11.70 -14.69
N ALA B 369 30.15 12.60 -13.77
CA ALA B 369 29.27 13.71 -13.41
C ALA B 369 28.89 14.58 -14.63
N SER B 370 29.84 14.85 -15.49
CA SER B 370 29.56 15.64 -16.70
C SER B 370 28.62 14.94 -17.62
N ARG B 371 28.76 13.63 -17.73
CA ARG B 371 27.90 12.89 -18.66
C ARG B 371 26.46 12.85 -18.10
N VAL B 372 26.33 12.58 -16.80
CA VAL B 372 25.02 12.57 -16.16
C VAL B 372 24.28 13.89 -16.43
N ALA B 373 24.98 15.02 -16.41
CA ALA B 373 24.37 16.32 -16.60
C ALA B 373 24.12 16.71 -18.08
N LEU B 374 24.62 15.88 -19.03
CA LEU B 374 24.73 16.34 -20.45
C LEU B 374 23.37 16.75 -21.01
N ASN B 375 22.36 15.95 -20.71
CA ASN B 375 21.04 16.14 -21.29
C ASN B 375 20.03 16.71 -20.30
N LYS B 376 20.53 17.41 -19.29
CA LYS B 376 19.71 17.89 -18.21
C LYS B 376 18.70 19.01 -18.63
N GLU B 377 18.87 19.59 -19.81
CA GLU B 377 17.92 20.59 -20.28
C GLU B 377 16.80 19.94 -21.07
N LYS B 378 16.81 18.61 -21.23
CA LYS B 378 15.99 17.97 -22.27
C LYS B 378 15.02 16.91 -21.72
N LEU B 379 15.16 16.58 -20.44
CA LEU B 379 14.38 15.46 -19.93
C LEU B 379 13.34 15.86 -18.89
N GLY B 380 12.81 17.06 -19.05
CA GLY B 380 11.73 17.56 -18.18
C GLY B 380 12.23 18.12 -16.85
N PRO B 381 11.37 18.86 -16.12
CA PRO B 381 11.86 19.69 -14.99
C PRO B 381 12.41 18.98 -13.79
N LEU B 382 11.98 17.77 -13.53
CA LEU B 382 12.48 17.14 -12.34
C LEU B 382 13.96 16.68 -12.49
N PHE B 383 14.28 16.02 -13.59
CA PHE B 383 15.67 15.65 -13.84
C PHE B 383 16.56 16.89 -13.79
N LYS B 384 16.13 17.98 -14.43
CA LYS B 384 16.94 19.21 -14.37
C LYS B 384 17.24 19.66 -12.93
N LYS B 385 16.20 19.66 -12.11
CA LYS B 385 16.28 20.08 -10.72
C LYS B 385 17.24 19.23 -9.92
N ILE B 386 17.14 17.91 -10.04
CA ILE B 386 18.09 16.92 -9.43
C ILE B 386 19.51 17.16 -9.89
N VAL B 387 19.70 17.25 -11.20
CA VAL B 387 21.05 17.50 -11.72
C VAL B 387 21.45 18.90 -11.33
#